data_6B9D
#
_entry.id   6B9D
#
_cell.length_a   51.058
_cell.length_b   68.429
_cell.length_c   75.883
_cell.angle_alpha   117.00
_cell.angle_beta   89.81
_cell.angle_gamma   99.04
#
_symmetry.space_group_name_H-M   'P 1'
#
loop_
_entity.id
_entity.type
_entity.pdbx_description
1 polymer Atlastin-1
2 non-polymer "GUANOSINE-5'-DIPHOSPHATE"
3 non-polymer 'MAGNESIUM ION'
4 non-polymer GLYCEROL
5 water water
#
_entity_poly.entity_id   1
_entity_poly.type   'polypeptide(L)'
_entity_poly.pdbx_seq_one_letter_code
;SMAKNRRDRNSWGGFSEKTYEWSSEEEEPVKKAGPVQVLIVKDDHSFELDETALNRILLSEAVRDKEVVAVSVAGAFAKG
KSFLMDFMLRYMYNQESVDWVGDYNEPLTGFSWRGGSERETTGIQIWSEIFLINKPDGKKVAVLLMDTQGTFDSQSTLRD
SATVFALSTMISSIQVYNLSQNVQEDDLQHLQLFTEYGRLAMEETFLKPFQSLIFLVRDWSFPYEFSYGADGGAKFLEKR
LKVSGNQHEELQNVRKHIHSCFTNISCFLLPHPGLKVATNPNFDGKLKEIDDEFIKNLKILIPWLLSPESLDIKEINGNK
ITCRGLVEYFKAYIKIYQGEELPHPKSMLQATAEANNLAAVATAKDTYNKKMEEICGGDKPFLAPNDLQTKHLQLKEESV
KLFRGVKKMGGEEFSRRYLQQLESEIDELYIQYIKHNDSKNIFHAARAAALEHHHHHH
;
_entity_poly.pdbx_strand_id   A,B
#
loop_
_chem_comp.id
_chem_comp.type
_chem_comp.name
_chem_comp.formula
GDP RNA linking GUANOSINE-5'-DIPHOSPHATE 'C10 H15 N5 O11 P2'
GOL non-polymer GLYCEROL 'C3 H8 O3'
MG non-polymer 'MAGNESIUM ION' 'Mg 2'
#
# COMPACT_ATOMS: atom_id res chain seq x y z
N VAL A 30 39.32 -11.21 20.68
CA VAL A 30 38.62 -10.61 21.80
C VAL A 30 37.12 -10.51 21.52
N LYS A 31 36.77 -10.18 20.28
CA LYS A 31 35.39 -10.07 19.84
C LYS A 31 35.06 -11.26 18.96
N LYS A 32 33.93 -11.92 19.24
CA LYS A 32 33.50 -13.08 18.47
C LYS A 32 31.98 -13.16 18.43
N ALA A 33 31.43 -13.45 17.25
CA ALA A 33 30.01 -13.68 17.11
C ALA A 33 29.57 -14.87 17.95
N GLY A 34 28.32 -14.81 18.41
CA GLY A 34 27.73 -15.87 19.19
C GLY A 34 26.27 -15.59 19.46
N PRO A 35 25.59 -16.55 20.06
CA PRO A 35 24.15 -16.35 20.35
C PRO A 35 23.95 -15.47 21.57
N VAL A 36 22.99 -14.56 21.47
CA VAL A 36 22.68 -13.63 22.57
C VAL A 36 21.22 -13.80 22.97
N GLN A 37 21.00 -14.09 24.25
CA GLN A 37 19.66 -14.18 24.83
C GLN A 37 19.04 -12.77 24.89
N VAL A 38 17.98 -12.54 24.13
CA VAL A 38 17.28 -11.26 24.19
C VAL A 38 15.95 -11.36 24.92
N LEU A 39 15.33 -12.53 24.93
CA LEU A 39 14.06 -12.78 25.59
C LEU A 39 14.23 -13.99 26.50
N ILE A 40 13.80 -13.86 27.76
CA ILE A 40 13.94 -14.91 28.76
C ILE A 40 12.61 -15.08 29.49
N VAL A 41 12.27 -16.33 29.80
CA VAL A 41 10.97 -16.63 30.41
C VAL A 41 10.93 -16.44 31.92
N LYS A 42 12.07 -16.49 32.63
CA LYS A 42 12.11 -16.33 34.09
C LYS A 42 11.32 -17.42 34.83
N ASP A 43 11.51 -17.52 36.14
CA ASP A 43 10.89 -18.57 36.92
C ASP A 43 9.47 -18.24 37.38
N ASP A 44 9.13 -16.95 37.47
CA ASP A 44 7.76 -16.55 37.77
C ASP A 44 6.86 -16.59 36.53
N HIS A 45 7.37 -17.15 35.42
CA HIS A 45 6.69 -17.24 34.13
C HIS A 45 6.50 -15.88 33.47
N SER A 46 7.17 -14.83 33.95
CA SER A 46 7.11 -13.52 33.33
C SER A 46 8.21 -13.36 32.29
N PHE A 47 7.85 -12.80 31.13
CA PHE A 47 8.79 -12.60 30.03
C PHE A 47 9.51 -11.27 30.16
N GLU A 48 10.82 -11.28 29.88
CA GLU A 48 11.66 -10.09 29.99
C GLU A 48 12.49 -9.92 28.71
N LEU A 49 12.56 -8.69 28.22
CA LEU A 49 13.34 -8.36 27.03
C LEU A 49 14.63 -7.67 27.45
N ASP A 50 15.76 -8.18 26.96
CA ASP A 50 17.06 -7.57 27.23
C ASP A 50 17.27 -6.45 26.21
N GLU A 51 16.75 -5.27 26.52
CA GLU A 51 16.81 -4.16 25.58
C GLU A 51 18.26 -3.75 25.33
N THR A 52 19.08 -3.72 26.38
CA THR A 52 20.49 -3.37 26.24
C THR A 52 21.17 -4.27 25.23
N ALA A 53 20.96 -5.59 25.32
CA ALA A 53 21.58 -6.52 24.39
C ALA A 53 20.98 -6.38 23.00
N LEU A 54 19.66 -6.21 22.93
CA LEU A 54 19.02 -6.03 21.63
C LEU A 54 19.56 -4.77 20.95
N ASN A 55 19.65 -3.66 21.69
CA ASN A 55 20.19 -2.41 21.14
C ASN A 55 21.63 -2.58 20.69
N ARG A 56 22.45 -3.23 21.50
CA ARG A 56 23.84 -3.42 21.15
C ARG A 56 24.00 -4.15 19.82
N ILE A 57 23.10 -5.09 19.52
CA ILE A 57 23.24 -5.86 18.30
C ILE A 57 22.62 -5.17 17.09
N LEU A 58 21.46 -4.54 17.26
CA LEU A 58 20.71 -4.04 16.11
C LEU A 58 20.93 -2.56 15.82
N LEU A 59 21.49 -1.81 16.76
CA LEU A 59 21.67 -0.37 16.61
C LEU A 59 23.13 0.00 16.35
N SER A 60 23.96 -0.99 16.01
CA SER A 60 25.33 -0.67 15.65
C SER A 60 25.35 0.21 14.41
N GLU A 61 26.36 1.07 14.31
CA GLU A 61 26.48 1.96 13.17
C GLU A 61 26.39 1.20 11.85
N ALA A 62 26.96 -0.01 11.79
CA ALA A 62 27.01 -0.73 10.52
C ALA A 62 25.65 -1.23 10.04
N VAL A 63 24.73 -1.57 10.95
CA VAL A 63 23.49 -2.20 10.54
C VAL A 63 22.24 -1.39 10.87
N ARG A 64 22.32 -0.32 11.67
CA ARG A 64 21.12 0.31 12.22
C ARG A 64 20.18 0.81 11.12
N ASP A 65 20.72 1.32 10.02
CA ASP A 65 19.88 1.88 8.97
C ASP A 65 19.62 0.91 7.83
N LYS A 66 20.07 -0.33 7.92
CA LYS A 66 19.90 -1.31 6.86
C LYS A 66 18.54 -1.99 6.99
N GLU A 67 17.89 -2.21 5.84
CA GLU A 67 16.66 -3.01 5.85
C GLU A 67 17.00 -4.43 6.27
N VAL A 68 16.10 -5.04 7.06
CA VAL A 68 16.40 -6.28 7.79
C VAL A 68 15.52 -7.44 7.29
N VAL A 69 16.13 -8.62 7.19
CA VAL A 69 15.45 -9.91 7.01
C VAL A 69 15.54 -10.59 8.37
N ALA A 70 14.42 -10.87 9.01
CA ALA A 70 14.45 -11.48 10.33
C ALA A 70 14.07 -12.95 10.18
N VAL A 71 15.05 -13.83 10.36
CA VAL A 71 14.90 -15.28 10.17
C VAL A 71 14.75 -15.94 11.52
N SER A 72 13.69 -16.73 11.69
CA SER A 72 13.43 -17.43 12.95
C SER A 72 13.22 -18.91 12.68
N VAL A 73 13.81 -19.73 13.53
CA VAL A 73 13.52 -21.16 13.57
C VAL A 73 12.81 -21.42 14.88
N ALA A 74 11.58 -21.94 14.81
CA ALA A 74 10.79 -22.13 16.00
C ALA A 74 10.20 -23.53 16.01
N GLY A 75 9.96 -24.02 17.21
CA GLY A 75 9.29 -25.31 17.36
C GLY A 75 9.72 -25.98 18.64
N ALA A 76 9.11 -27.16 18.87
CA ALA A 76 9.27 -27.92 20.11
C ALA A 76 10.73 -28.19 20.44
N PHE A 77 11.01 -28.42 21.73
CA PHE A 77 12.37 -28.64 22.20
C PHE A 77 12.98 -29.91 21.63
N ALA A 78 14.28 -29.86 21.38
CA ALA A 78 15.08 -31.05 21.06
C ALA A 78 14.65 -31.69 19.75
N LYS A 79 14.22 -30.87 18.78
CA LYS A 79 13.83 -31.37 17.47
C LYS A 79 14.79 -30.90 16.36
N GLY A 80 16.01 -30.48 16.73
CA GLY A 80 17.06 -30.20 15.76
C GLY A 80 17.17 -28.78 15.26
N LYS A 81 16.61 -27.80 15.98
CA LYS A 81 16.61 -26.43 15.52
C LYS A 81 18.02 -25.83 15.54
N SER A 82 18.73 -25.96 16.65
CA SER A 82 20.09 -25.43 16.74
C SER A 82 21.02 -26.11 15.74
N PHE A 83 20.83 -27.43 15.56
CA PHE A 83 21.60 -28.18 14.57
C PHE A 83 21.39 -27.60 13.18
N LEU A 84 20.13 -27.31 12.83
CA LEU A 84 19.85 -26.65 11.56
C LEU A 84 20.49 -25.26 11.49
N MET A 85 20.36 -24.48 12.55
CA MET A 85 20.88 -23.11 12.52
C MET A 85 22.38 -23.09 12.35
N ASP A 86 23.08 -24.08 12.92
CA ASP A 86 24.52 -24.12 12.75
C ASP A 86 24.91 -24.34 11.29
N PHE A 87 24.14 -25.14 10.56
CA PHE A 87 24.37 -25.21 9.11
C PHE A 87 23.95 -23.91 8.41
N MET A 88 22.90 -23.24 8.92
CA MET A 88 22.53 -21.96 8.35
C MET A 88 23.67 -20.96 8.49
N LEU A 89 24.38 -21.03 9.63
CA LEU A 89 25.55 -20.17 9.85
C LEU A 89 26.65 -20.47 8.84
N ARG A 90 26.89 -21.75 8.57
CA ARG A 90 27.94 -22.11 7.62
C ARG A 90 27.68 -21.48 6.26
N TYR A 91 26.43 -21.52 5.81
CA TYR A 91 26.08 -20.90 4.54
C TYR A 91 26.22 -19.37 4.62
N MET A 92 25.68 -18.75 5.67
CA MET A 92 25.73 -17.28 5.79
C MET A 92 27.17 -16.77 5.75
N TYR A 93 28.09 -17.49 6.36
CA TYR A 93 29.45 -17.03 6.38
C TYR A 93 30.20 -17.27 5.08
N ASN A 94 29.63 -18.03 4.14
CA ASN A 94 30.35 -18.37 2.91
C ASN A 94 29.35 -18.66 1.78
N GLN A 95 28.41 -17.75 1.55
CA GLN A 95 27.33 -17.97 0.58
C GLN A 95 27.86 -18.28 -0.80
N GLU A 96 29.03 -17.71 -1.15
CA GLU A 96 29.63 -17.84 -2.46
C GLU A 96 30.51 -19.07 -2.61
N SER A 97 30.64 -19.88 -1.58
CA SER A 97 31.48 -21.08 -1.64
C SER A 97 30.63 -22.28 -2.07
N VAL A 98 31.11 -23.02 -3.07
CA VAL A 98 30.41 -24.25 -3.47
C VAL A 98 30.48 -25.30 -2.37
N ASP A 99 31.49 -25.21 -1.50
CA ASP A 99 31.69 -26.14 -0.39
C ASP A 99 31.23 -25.58 0.95
N TRP A 100 30.23 -24.69 0.97
CA TRP A 100 29.86 -24.03 2.23
C TRP A 100 29.46 -25.01 3.31
N VAL A 101 28.96 -26.20 2.94
CA VAL A 101 28.44 -27.07 3.98
C VAL A 101 29.56 -27.64 4.83
N GLY A 102 30.75 -27.83 4.25
CA GLY A 102 31.90 -28.31 4.98
C GLY A 102 32.66 -29.38 4.23
N ASN A 105 34.27 -33.91 8.35
CA ASN A 105 35.12 -34.00 9.53
C ASN A 105 35.23 -32.67 10.28
N GLU A 106 34.47 -31.67 9.83
CA GLU A 106 34.43 -30.36 10.47
C GLU A 106 33.33 -30.36 11.53
N PRO A 107 33.64 -30.13 12.80
CA PRO A 107 32.60 -30.15 13.84
C PRO A 107 31.64 -28.97 13.70
N LEU A 108 30.45 -29.15 14.29
CA LEU A 108 29.35 -28.20 14.14
C LEU A 108 29.31 -27.26 15.33
N THR A 109 29.43 -25.95 15.07
CA THR A 109 29.54 -24.94 16.11
C THR A 109 28.57 -23.79 15.85
N GLY A 110 28.26 -23.06 16.92
CA GLY A 110 27.33 -21.94 16.87
C GLY A 110 26.32 -21.98 18.00
N PHE A 111 25.03 -21.89 17.67
CA PHE A 111 23.98 -22.10 18.65
C PHE A 111 24.17 -23.46 19.31
N SER A 112 23.92 -23.53 20.62
CA SER A 112 24.09 -24.78 21.35
C SER A 112 22.74 -25.41 21.70
N THR A 121 16.07 -22.19 29.03
CA THR A 121 15.45 -22.94 27.94
C THR A 121 14.57 -22.04 27.07
N THR A 122 13.36 -21.72 27.55
CA THR A 122 12.39 -21.01 26.72
C THR A 122 12.78 -19.54 26.54
N GLY A 123 12.81 -19.08 25.30
CA GLY A 123 13.25 -17.75 25.00
C GLY A 123 13.67 -17.65 23.54
N ILE A 124 14.35 -16.55 23.23
CA ILE A 124 14.85 -16.30 21.88
C ILE A 124 16.28 -15.86 22.01
N GLN A 125 17.16 -16.51 21.26
CA GLN A 125 18.55 -16.14 21.13
C GLN A 125 18.77 -15.59 19.73
N ILE A 126 19.60 -14.56 19.61
CA ILE A 126 19.91 -14.04 18.29
C ILE A 126 21.41 -14.10 18.07
N TRP A 127 21.78 -14.25 16.82
CA TRP A 127 23.18 -14.33 16.46
C TRP A 127 23.75 -12.90 16.37
N SER A 128 24.84 -12.65 17.08
CA SER A 128 25.29 -11.26 17.23
C SER A 128 25.90 -10.67 15.95
N GLU A 129 26.28 -11.50 14.98
CA GLU A 129 26.68 -10.98 13.67
C GLU A 129 25.42 -10.78 12.84
N ILE A 130 25.03 -9.52 12.64
CA ILE A 130 23.96 -9.22 11.69
C ILE A 130 24.60 -9.21 10.30
N PHE A 131 24.32 -10.25 9.50
CA PHE A 131 24.98 -10.41 8.21
C PHE A 131 24.49 -9.36 7.25
N LEU A 132 25.42 -8.67 6.57
CA LEU A 132 25.06 -7.74 5.50
C LEU A 132 25.28 -8.44 4.16
N ILE A 133 24.18 -8.72 3.47
CA ILE A 133 24.19 -9.54 2.26
C ILE A 133 23.83 -8.66 1.08
N ASN A 134 24.65 -8.71 0.02
CA ASN A 134 24.33 -8.06 -1.26
C ASN A 134 23.10 -8.71 -1.89
N LYS A 135 22.04 -7.95 -2.06
CA LYS A 135 20.92 -8.43 -2.86
C LYS A 135 21.14 -8.10 -4.34
N PRO A 136 20.50 -8.85 -5.25
CA PRO A 136 20.72 -8.59 -6.68
C PRO A 136 20.27 -7.21 -7.13
N ASP A 137 19.34 -6.56 -6.43
CA ASP A 137 18.88 -5.23 -6.84
C ASP A 137 19.84 -4.12 -6.42
N GLY A 138 20.97 -4.44 -5.80
CA GLY A 138 21.90 -3.44 -5.35
C GLY A 138 21.75 -3.05 -3.90
N LYS A 139 20.79 -3.62 -3.19
CA LYS A 139 20.68 -3.33 -1.77
C LYS A 139 21.68 -4.17 -1.00
N LYS A 140 22.12 -3.63 0.13
CA LYS A 140 22.80 -4.40 1.17
C LYS A 140 21.80 -4.57 2.31
N VAL A 141 21.33 -5.80 2.53
CA VAL A 141 20.30 -6.07 3.53
C VAL A 141 20.93 -6.70 4.75
N ALA A 142 20.35 -6.42 5.90
CA ALA A 142 20.73 -7.04 7.15
C ALA A 142 19.96 -8.35 7.34
N VAL A 143 20.66 -9.37 7.82
CA VAL A 143 20.04 -10.70 8.01
C VAL A 143 20.26 -11.10 9.45
N LEU A 144 19.17 -11.15 10.21
CA LEU A 144 19.19 -11.48 11.63
C LEU A 144 18.64 -12.90 11.81
N LEU A 145 19.38 -13.73 12.53
CA LEU A 145 18.99 -15.11 12.79
C LEU A 145 18.57 -15.27 14.24
N MET A 146 17.39 -15.86 14.47
CA MET A 146 16.80 -16.03 15.79
C MET A 146 16.48 -17.50 16.02
N ASP A 147 16.94 -18.04 17.14
CA ASP A 147 16.59 -19.39 17.55
C ASP A 147 15.51 -19.25 18.62
N THR A 148 14.31 -19.73 18.31
CA THR A 148 13.13 -19.56 19.16
C THR A 148 12.83 -20.90 19.82
N GLN A 149 13.16 -21.02 21.10
CA GLN A 149 13.10 -22.29 21.79
C GLN A 149 11.87 -22.36 22.69
N SER A 161 6.64 -22.65 24.61
CA SER A 161 5.70 -21.62 25.03
C SER A 161 5.07 -20.93 23.83
N ALA A 162 3.77 -20.69 23.92
CA ALA A 162 3.05 -20.01 22.85
C ALA A 162 3.40 -18.52 22.81
N THR A 163 3.73 -17.92 23.94
CA THR A 163 4.15 -16.52 23.95
C THR A 163 5.43 -16.32 23.13
N VAL A 164 6.44 -17.14 23.36
CA VAL A 164 7.68 -16.99 22.62
C VAL A 164 7.43 -17.25 21.14
N PHE A 165 6.60 -18.23 20.82
CA PHE A 165 6.29 -18.57 19.43
C PHE A 165 5.54 -17.44 18.75
N ALA A 166 4.57 -16.83 19.44
CA ALA A 166 3.87 -15.68 18.86
C ALA A 166 4.80 -14.51 18.66
N LEU A 167 5.65 -14.22 19.65
CA LEU A 167 6.62 -13.14 19.53
C LEU A 167 7.55 -13.32 18.33
N SER A 168 8.14 -14.50 18.18
CA SER A 168 9.08 -14.69 17.07
C SER A 168 8.39 -14.59 15.72
N THR A 169 7.14 -15.05 15.63
CA THR A 169 6.40 -14.96 14.38
C THR A 169 6.05 -13.51 14.03
N MET A 170 5.70 -12.70 15.03
CA MET A 170 5.40 -11.29 14.76
C MET A 170 6.64 -10.54 14.29
N ILE A 171 7.81 -10.87 14.86
CA ILE A 171 9.07 -10.22 14.53
C ILE A 171 9.61 -10.72 13.18
N SER A 172 9.44 -12.01 12.91
CA SER A 172 10.11 -12.63 11.78
C SER A 172 9.58 -12.09 10.45
N SER A 173 10.41 -12.20 9.42
CA SER A 173 9.92 -12.15 8.04
C SER A 173 10.09 -13.48 7.34
N ILE A 174 10.89 -14.38 7.89
CA ILE A 174 10.96 -15.79 7.49
C ILE A 174 10.86 -16.59 8.78
N GLN A 175 9.78 -17.35 8.92
CA GLN A 175 9.55 -18.17 10.11
C GLN A 175 9.62 -19.62 9.67
N VAL A 176 10.64 -20.33 10.15
CA VAL A 176 10.79 -21.75 9.90
C VAL A 176 10.17 -22.49 11.07
N TYR A 177 9.04 -23.10 10.80
CA TYR A 177 8.28 -23.87 11.78
C TYR A 177 8.80 -25.30 11.72
N ASN A 178 9.61 -25.67 12.71
CA ASN A 178 10.33 -26.94 12.71
C ASN A 178 9.45 -28.00 13.36
N LEU A 179 9.05 -29.00 12.59
CA LEU A 179 8.13 -30.03 13.06
C LEU A 179 8.75 -31.40 12.82
N SER A 180 8.45 -32.34 13.73
CA SER A 180 9.00 -33.69 13.69
C SER A 180 8.00 -34.65 13.06
N GLN A 181 8.38 -35.22 11.92
CA GLN A 181 7.71 -36.30 11.22
C GLN A 181 6.40 -35.89 10.55
N ASN A 182 5.61 -35.00 11.14
CA ASN A 182 4.30 -34.73 10.56
C ASN A 182 3.77 -33.39 11.05
N VAL A 183 2.77 -32.89 10.31
CA VAL A 183 2.02 -31.70 10.67
C VAL A 183 0.73 -32.17 11.34
N GLN A 184 0.65 -31.97 12.65
CA GLN A 184 -0.49 -32.40 13.43
C GLN A 184 -1.49 -31.26 13.57
N GLU A 185 -2.70 -31.64 13.94
CA GLU A 185 -3.75 -30.65 14.12
C GLU A 185 -3.35 -29.65 15.21
N ASP A 186 -2.74 -30.14 16.29
CA ASP A 186 -2.20 -29.21 17.28
C ASP A 186 -1.17 -28.28 16.64
N ASP A 187 -0.43 -28.76 15.64
CA ASP A 187 0.56 -27.90 15.00
C ASP A 187 -0.10 -26.75 14.28
N LEU A 188 -1.25 -27.00 13.66
CA LEU A 188 -1.97 -25.91 12.99
C LEU A 188 -2.75 -25.05 13.97
N GLN A 189 -3.26 -25.65 15.05
CA GLN A 189 -3.98 -24.89 16.06
C GLN A 189 -3.16 -23.73 16.59
N HIS A 190 -1.84 -23.88 16.61
CA HIS A 190 -0.98 -22.82 17.11
C HIS A 190 -1.02 -21.59 16.22
N LEU A 191 -1.35 -21.77 14.94
CA LEU A 191 -1.43 -20.69 13.98
C LEU A 191 -2.72 -19.90 14.07
N GLN A 192 -3.70 -20.36 14.85
CA GLN A 192 -5.03 -19.78 14.80
C GLN A 192 -5.06 -18.34 15.28
N LEU A 193 -4.29 -17.99 16.31
CA LEU A 193 -4.29 -16.60 16.72
C LEU A 193 -3.72 -15.70 15.63
N PHE A 194 -2.76 -16.20 14.83
CA PHE A 194 -2.23 -15.39 13.75
C PHE A 194 -3.28 -15.14 12.69
N THR A 195 -4.11 -16.17 12.43
CA THR A 195 -5.25 -16.05 11.53
C THR A 195 -6.20 -14.96 12.00
N GLU A 196 -6.51 -14.96 13.29
CA GLU A 196 -7.51 -14.01 13.78
C GLU A 196 -6.95 -12.60 13.83
N TYR A 197 -5.67 -12.47 14.19
CA TYR A 197 -4.99 -11.18 14.08
C TYR A 197 -4.96 -10.69 12.63
N GLY A 198 -4.67 -11.59 11.69
CA GLY A 198 -4.65 -11.24 10.28
C GLY A 198 -5.97 -10.69 9.76
N ARG A 199 -7.09 -11.30 10.17
CA ARG A 199 -8.38 -10.79 9.73
C ARG A 199 -8.59 -9.36 10.18
N LEU A 200 -8.40 -9.09 11.48
CA LEU A 200 -8.57 -7.75 12.01
C LEU A 200 -7.63 -6.77 11.31
N ALA A 201 -6.39 -7.19 11.04
CA ALA A 201 -5.42 -6.30 10.41
C ALA A 201 -5.82 -5.94 8.98
N MET A 202 -6.39 -6.90 8.26
CA MET A 202 -6.79 -6.76 6.87
C MET A 202 -8.23 -6.26 6.66
N GLU A 203 -8.94 -5.88 7.73
CA GLU A 203 -10.30 -5.41 7.53
C GLU A 203 -10.39 -4.26 6.53
N GLU A 204 -9.36 -3.42 6.46
CA GLU A 204 -9.40 -2.26 5.58
C GLU A 204 -8.27 -2.21 4.56
N THR A 205 -7.39 -3.21 4.53
CA THR A 205 -6.33 -3.21 3.54
C THR A 205 -6.11 -4.60 2.98
N PHE A 206 -5.56 -4.66 1.77
CA PHE A 206 -5.09 -5.92 1.23
C PHE A 206 -3.66 -6.27 1.64
N LEU A 207 -2.98 -5.47 2.46
CA LEU A 207 -1.61 -5.82 2.77
C LEU A 207 -1.59 -6.83 3.91
N LYS A 208 -0.86 -7.92 3.70
CA LYS A 208 -0.80 -9.02 4.65
C LYS A 208 0.09 -8.68 5.84
N PRO A 209 -0.23 -9.23 7.01
CA PRO A 209 0.56 -8.94 8.21
C PRO A 209 1.87 -9.72 8.27
N PHE A 210 1.92 -10.88 7.62
CA PHE A 210 3.09 -11.75 7.69
C PHE A 210 3.65 -11.99 6.29
N GLN A 211 4.90 -12.43 6.26
CA GLN A 211 5.58 -12.67 5.00
C GLN A 211 5.71 -14.17 4.79
N SER A 212 6.83 -14.79 5.14
CA SER A 212 7.10 -16.17 4.76
C SER A 212 6.92 -17.10 5.94
N LEU A 213 6.21 -18.20 5.72
CA LEU A 213 6.09 -19.27 6.69
C LEU A 213 6.54 -20.56 6.01
N ILE A 214 7.37 -21.34 6.69
CA ILE A 214 7.86 -22.61 6.14
C ILE A 214 7.61 -23.68 7.18
N PHE A 215 6.82 -24.70 6.79
CA PHE A 215 6.71 -25.92 7.57
C PHE A 215 7.89 -26.82 7.19
N LEU A 216 8.85 -26.95 8.09
CA LEU A 216 10.02 -27.81 7.87
C LEU A 216 9.76 -29.09 8.62
N VAL A 217 9.46 -30.16 7.89
CA VAL A 217 9.09 -31.43 8.50
C VAL A 217 10.34 -32.30 8.56
N ARG A 218 10.86 -32.53 9.77
CA ARG A 218 12.03 -33.37 9.99
C ARG A 218 11.64 -34.84 9.99
N ASP A 219 12.60 -35.69 9.63
CA ASP A 219 12.42 -37.14 9.68
C ASP A 219 11.20 -37.59 8.89
N TRP A 220 11.11 -37.15 7.64
CA TRP A 220 9.91 -37.38 6.85
C TRP A 220 9.69 -38.88 6.61
N SER A 221 8.43 -39.31 6.66
CA SER A 221 8.11 -40.74 6.70
C SER A 221 7.57 -41.30 5.38
N PHE A 222 7.22 -40.45 4.41
CA PHE A 222 6.47 -40.90 3.24
C PHE A 222 7.13 -40.42 1.95
N PRO A 223 8.38 -40.85 1.67
CA PRO A 223 9.14 -40.25 0.56
C PRO A 223 8.78 -40.74 -0.84
N TYR A 224 7.90 -41.75 -0.95
CA TYR A 224 7.45 -42.18 -2.27
C TYR A 224 6.42 -41.21 -2.85
N GLU A 225 5.31 -41.00 -2.12
CA GLU A 225 4.26 -40.13 -2.64
C GLU A 225 4.62 -38.64 -2.49
N PHE A 226 5.39 -38.28 -1.47
CA PHE A 226 5.75 -36.89 -1.19
C PHE A 226 7.27 -36.84 -1.05
N SER A 227 7.93 -36.47 -2.15
CA SER A 227 9.39 -36.52 -2.21
C SER A 227 10.03 -35.57 -1.22
N TYR A 228 11.20 -35.96 -0.72
CA TYR A 228 12.06 -35.08 0.04
C TYR A 228 12.20 -33.76 -0.69
N GLY A 229 12.15 -32.67 0.05
CA GLY A 229 12.37 -31.35 -0.50
C GLY A 229 11.11 -30.50 -0.56
N ALA A 230 11.18 -29.48 -1.41
CA ALA A 230 10.17 -28.42 -1.46
C ALA A 230 8.96 -28.81 -2.30
N ASP A 231 9.18 -29.56 -3.39
CA ASP A 231 8.07 -29.93 -4.25
C ASP A 231 7.17 -30.97 -3.58
N GLY A 232 7.75 -32.00 -2.99
CA GLY A 232 6.94 -32.92 -2.20
C GLY A 232 6.27 -32.25 -1.03
N GLY A 233 6.97 -31.30 -0.40
CA GLY A 233 6.40 -30.57 0.72
C GLY A 233 5.17 -29.78 0.31
N ALA A 234 5.28 -29.04 -0.80
CA ALA A 234 4.12 -28.31 -1.31
C ALA A 234 2.98 -29.25 -1.60
N LYS A 235 3.27 -30.39 -2.23
CA LYS A 235 2.24 -31.39 -2.48
C LYS A 235 1.63 -31.85 -1.16
N PHE A 236 2.47 -32.11 -0.16
CA PHE A 236 1.95 -32.58 1.12
C PHE A 236 1.14 -31.50 1.81
N LEU A 237 1.69 -30.29 1.87
CA LEU A 237 1.01 -29.22 2.59
C LEU A 237 -0.36 -28.93 2.01
N GLU A 238 -0.48 -28.98 0.68
CA GLU A 238 -1.79 -28.78 0.06
C GLU A 238 -2.79 -29.81 0.55
N LYS A 239 -2.34 -31.07 0.68
CA LYS A 239 -3.21 -32.12 1.18
C LYS A 239 -3.61 -31.86 2.64
N ARG A 240 -2.63 -31.52 3.49
CA ARG A 240 -2.89 -31.29 4.91
C ARG A 240 -3.80 -30.08 5.12
N LEU A 241 -3.58 -29.00 4.36
CA LEU A 241 -4.36 -27.77 4.46
C LEU A 241 -5.73 -27.87 3.82
N LYS A 242 -6.03 -28.93 3.06
CA LYS A 242 -7.33 -29.04 2.41
C LYS A 242 -8.45 -28.99 3.45
N VAL A 243 -9.48 -28.21 3.14
CA VAL A 243 -10.53 -27.84 4.09
C VAL A 243 -11.13 -29.08 4.74
N SER A 244 -10.99 -29.15 6.05
CA SER A 244 -11.39 -30.29 6.85
C SER A 244 -12.91 -30.47 6.92
N GLN A 247 -12.57 -31.80 10.39
CA GLN A 247 -11.91 -31.66 11.68
C GLN A 247 -12.61 -30.63 12.55
N HIS A 248 -11.97 -30.28 13.67
CA HIS A 248 -12.52 -29.26 14.56
C HIS A 248 -12.75 -27.96 13.79
N GLU A 249 -13.89 -27.34 14.09
CA GLU A 249 -14.30 -26.14 13.37
C GLU A 249 -13.24 -25.06 13.41
N GLU A 250 -12.54 -24.92 14.56
CA GLU A 250 -11.45 -23.96 14.62
C GLU A 250 -10.33 -24.33 13.65
N LEU A 251 -10.12 -25.63 13.41
CA LEU A 251 -9.04 -25.98 12.50
C LEU A 251 -9.47 -25.90 11.06
N GLN A 252 -10.77 -26.00 10.79
CA GLN A 252 -11.27 -25.70 9.45
C GLN A 252 -10.99 -24.23 9.12
N ASN A 253 -11.20 -23.34 10.09
CA ASN A 253 -11.06 -21.91 9.85
C ASN A 253 -9.59 -21.52 9.67
N VAL A 254 -8.67 -22.17 10.38
CA VAL A 254 -7.26 -21.86 10.16
C VAL A 254 -6.87 -22.21 8.73
N ARG A 255 -7.43 -23.31 8.21
CA ARG A 255 -7.16 -23.73 6.84
C ARG A 255 -7.73 -22.75 5.82
N LYS A 256 -8.97 -22.29 6.03
CA LYS A 256 -9.59 -21.33 5.12
C LYS A 256 -8.79 -20.04 5.01
N HIS A 257 -8.23 -19.57 6.13
CA HIS A 257 -7.72 -18.21 6.25
C HIS A 257 -6.20 -18.07 6.18
N ILE A 258 -5.45 -19.14 6.42
CA ILE A 258 -4.00 -19.01 6.63
C ILE A 258 -3.32 -18.38 5.43
N HIS A 259 -3.72 -18.73 4.21
CA HIS A 259 -3.02 -18.18 3.05
C HIS A 259 -3.27 -16.69 2.87
N SER A 260 -4.36 -16.17 3.46
CA SER A 260 -4.64 -14.74 3.40
C SER A 260 -3.76 -13.94 4.34
N CYS A 261 -3.20 -14.57 5.37
CA CYS A 261 -2.39 -13.88 6.36
C CYS A 261 -0.92 -13.83 5.98
N PHE A 262 -0.44 -14.82 5.22
CA PHE A 262 0.98 -14.97 4.90
C PHE A 262 1.20 -14.75 3.41
N THR A 263 2.25 -13.98 3.08
CA THR A 263 2.57 -13.78 1.67
C THR A 263 3.09 -15.05 1.01
N ASN A 264 3.91 -15.82 1.72
CA ASN A 264 4.44 -17.06 1.18
C ASN A 264 4.32 -18.15 2.23
N ILE A 265 3.64 -19.24 1.89
CA ILE A 265 3.61 -20.44 2.73
C ILE A 265 4.19 -21.58 1.90
N SER A 266 5.17 -22.28 2.46
CA SER A 266 5.76 -23.40 1.76
C SER A 266 6.13 -24.47 2.78
N CYS A 267 6.66 -25.57 2.27
CA CYS A 267 6.89 -26.76 3.07
C CYS A 267 8.03 -27.56 2.46
N PHE A 268 8.98 -27.98 3.29
CA PHE A 268 10.15 -28.72 2.86
C PHE A 268 10.22 -30.01 3.67
N LEU A 269 10.32 -31.15 2.97
CA LEU A 269 10.40 -32.45 3.63
C LEU A 269 11.84 -32.91 3.71
N LEU A 270 12.34 -33.07 4.93
CA LEU A 270 13.73 -33.42 5.14
C LEU A 270 13.87 -34.88 5.60
N PRO A 271 14.86 -35.62 5.08
CA PRO A 271 15.08 -36.97 5.58
C PRO A 271 15.64 -36.98 7.01
N HIS A 272 15.47 -38.15 7.62
CA HIS A 272 16.16 -38.50 8.86
C HIS A 272 17.68 -38.40 8.64
N PRO A 273 18.43 -37.87 9.61
CA PRO A 273 19.86 -37.62 9.41
C PRO A 273 20.77 -38.79 9.73
N GLY A 274 20.22 -39.91 10.17
CA GLY A 274 21.02 -41.06 10.50
C GLY A 274 21.12 -41.27 12.00
N LEU A 275 21.51 -42.49 12.37
CA LEU A 275 21.52 -42.88 13.77
C LEU A 275 22.47 -42.02 14.59
N LYS A 276 23.62 -41.67 14.02
CA LYS A 276 24.62 -40.93 14.80
C LYS A 276 24.07 -39.57 15.21
N VAL A 277 23.53 -38.81 14.26
CA VAL A 277 22.92 -37.53 14.60
C VAL A 277 21.76 -37.73 15.58
N ALA A 278 20.93 -38.73 15.33
CA ALA A 278 19.68 -38.89 16.07
C ALA A 278 19.90 -39.23 17.55
N THR A 279 21.08 -39.73 17.93
CA THR A 279 21.25 -40.29 19.26
C THR A 279 22.19 -39.51 20.18
N ASN A 280 23.04 -38.63 19.66
CA ASN A 280 24.00 -37.93 20.52
C ASN A 280 23.65 -36.46 20.60
N PRO A 281 23.45 -35.92 21.81
CA PRO A 281 23.05 -34.50 21.94
C PRO A 281 24.07 -33.52 21.39
N ASN A 282 25.33 -33.65 21.81
CA ASN A 282 26.39 -32.77 21.32
C ASN A 282 27.15 -33.52 20.22
N PHE A 283 26.46 -33.69 19.09
CA PHE A 283 26.98 -34.50 17.99
C PHE A 283 28.20 -33.79 17.39
N ASP A 284 29.38 -34.20 17.79
CA ASP A 284 30.63 -33.62 17.33
C ASP A 284 31.35 -34.63 16.43
N GLY A 285 30.78 -34.85 15.25
CA GLY A 285 31.29 -35.84 14.34
C GLY A 285 31.47 -35.29 12.93
N LYS A 286 31.96 -36.16 12.06
CA LYS A 286 32.19 -35.79 10.67
C LYS A 286 30.87 -35.58 9.95
N LEU A 287 30.89 -34.65 8.99
CA LEU A 287 29.83 -34.61 7.99
C LEU A 287 29.67 -35.98 7.34
N LYS A 288 30.77 -36.74 7.25
CA LYS A 288 30.67 -38.10 6.78
C LYS A 288 29.85 -38.99 7.72
N GLU A 289 29.66 -38.57 8.96
CA GLU A 289 28.82 -39.33 9.91
C GLU A 289 27.35 -38.93 9.87
N ILE A 290 26.96 -38.07 8.95
CA ILE A 290 25.58 -37.66 8.70
C ILE A 290 25.10 -38.33 7.42
N ASP A 291 23.86 -38.80 7.42
CA ASP A 291 23.22 -39.43 6.27
C ASP A 291 23.37 -38.60 5.00
N ASP A 292 23.71 -39.29 3.91
CA ASP A 292 24.06 -38.58 2.67
C ASP A 292 22.85 -37.94 2.02
N GLU A 293 21.67 -38.57 2.13
CA GLU A 293 20.46 -37.96 1.59
C GLU A 293 20.02 -36.77 2.44
N PHE A 294 20.25 -36.81 3.75
CA PHE A 294 20.05 -35.62 4.56
C PHE A 294 20.92 -34.47 4.04
N ILE A 295 22.21 -34.73 3.85
CA ILE A 295 23.13 -33.67 3.41
C ILE A 295 22.72 -33.12 2.05
N LYS A 296 22.40 -34.03 1.12
CA LYS A 296 21.89 -33.61 -0.19
C LYS A 296 20.74 -32.63 -0.07
N ASN A 297 19.74 -32.94 0.77
CA ASN A 297 18.58 -32.05 0.88
C ASN A 297 18.86 -30.81 1.73
N LEU A 298 19.70 -30.94 2.75
CA LEU A 298 20.12 -29.78 3.51
C LEU A 298 20.80 -28.74 2.61
N LYS A 299 21.69 -29.17 1.72
CA LYS A 299 22.36 -28.26 0.79
C LYS A 299 21.37 -27.54 -0.13
N ILE A 300 20.19 -28.11 -0.34
CA ILE A 300 19.16 -27.42 -1.12
C ILE A 300 18.37 -26.47 -0.23
N LEU A 301 17.99 -26.96 0.97
CA LEU A 301 17.13 -26.23 1.88
C LEU A 301 17.71 -24.86 2.22
N ILE A 302 18.97 -24.79 2.60
CA ILE A 302 19.47 -23.59 3.26
C ILE A 302 19.57 -22.43 2.25
N PRO A 303 20.11 -22.60 1.05
CA PRO A 303 20.01 -21.49 0.08
C PRO A 303 18.58 -21.24 -0.34
N TRP A 304 17.73 -22.25 -0.31
CA TRP A 304 16.33 -22.04 -0.62
C TRP A 304 15.68 -21.13 0.41
N LEU A 305 16.18 -21.15 1.65
CA LEU A 305 15.70 -20.20 2.65
C LEU A 305 16.42 -18.86 2.58
N LEU A 306 17.70 -18.86 2.28
CA LEU A 306 18.56 -17.75 2.65
C LEU A 306 19.46 -17.21 1.54
N SER A 307 19.30 -17.66 0.29
CA SER A 307 20.13 -17.10 -0.76
C SER A 307 19.76 -15.64 -0.98
N PRO A 308 20.65 -14.83 -1.59
CA PRO A 308 20.31 -13.42 -1.80
C PRO A 308 18.97 -13.21 -2.47
N GLU A 309 18.67 -13.99 -3.52
CA GLU A 309 17.38 -13.92 -4.18
C GLU A 309 16.23 -14.36 -3.26
N SER A 310 16.53 -15.08 -2.20
CA SER A 310 15.53 -15.61 -1.29
C SER A 310 15.21 -14.70 -0.12
N LEU A 311 16.09 -13.78 0.25
CA LEU A 311 15.91 -13.05 1.49
C LEU A 311 14.70 -12.10 1.38
N ASP A 312 13.77 -12.22 2.33
CA ASP A 312 12.53 -11.45 2.34
C ASP A 312 12.66 -10.34 3.38
N ILE A 313 12.72 -9.07 2.91
CA ILE A 313 12.87 -7.94 3.83
C ILE A 313 11.57 -7.76 4.61
N LYS A 314 11.69 -7.63 5.94
CA LYS A 314 10.56 -7.39 6.82
C LYS A 314 9.81 -6.13 6.40
N GLU A 315 8.49 -6.24 6.27
CA GLU A 315 7.71 -5.04 5.92
C GLU A 315 6.34 -5.08 6.59
N ILE A 316 5.89 -3.91 7.03
CA ILE A 316 4.62 -3.73 7.74
C ILE A 316 3.91 -2.55 7.12
N ASN A 317 2.63 -2.75 6.76
CA ASN A 317 1.79 -1.70 6.18
C ASN A 317 2.47 -1.06 4.96
N GLY A 318 3.25 -1.86 4.23
CA GLY A 318 3.95 -1.38 3.07
C GLY A 318 5.33 -0.80 3.33
N ASN A 319 5.72 -0.64 4.59
CA ASN A 319 6.99 0.01 4.95
C ASN A 319 8.06 -1.06 5.18
N LYS A 320 9.18 -0.99 4.45
CA LYS A 320 10.31 -1.84 4.80
C LYS A 320 10.86 -1.45 6.17
N ILE A 321 11.21 -2.44 6.97
CA ILE A 321 11.72 -2.23 8.33
C ILE A 321 13.24 -2.26 8.33
N THR A 322 13.85 -1.36 9.10
CA THR A 322 15.29 -1.39 9.32
C THR A 322 15.58 -2.07 10.66
N CYS A 323 16.87 -2.40 10.88
CA CYS A 323 17.26 -2.91 12.19
C CYS A 323 16.82 -1.96 13.30
N ARG A 324 17.06 -0.66 13.10
CA ARG A 324 16.58 0.35 14.04
C ARG A 324 15.08 0.20 14.31
N GLY A 325 14.27 0.14 13.24
CA GLY A 325 12.84 0.00 13.39
C GLY A 325 12.44 -1.32 14.03
N LEU A 326 13.18 -2.39 13.76
CA LEU A 326 12.80 -3.69 14.26
C LEU A 326 12.87 -3.73 15.78
N VAL A 327 13.80 -2.98 16.37
CA VAL A 327 13.82 -2.87 17.83
C VAL A 327 12.48 -2.35 18.35
N GLU A 328 11.86 -1.41 17.63
CA GLU A 328 10.57 -0.88 18.08
C GLU A 328 9.51 -1.97 18.08
N TYR A 329 9.61 -2.94 17.17
CA TYR A 329 8.66 -4.04 17.17
C TYR A 329 8.87 -4.98 18.36
N PHE A 330 10.14 -5.29 18.70
CA PHE A 330 10.38 -6.04 19.93
C PHE A 330 9.77 -5.36 21.14
N LYS A 331 10.01 -4.05 21.29
CA LYS A 331 9.60 -3.33 22.49
C LYS A 331 8.08 -3.21 22.58
N ALA A 332 7.40 -3.01 21.45
CA ALA A 332 5.95 -2.90 21.49
C ALA A 332 5.31 -4.26 21.76
N TYR A 333 5.87 -5.33 21.18
CA TYR A 333 5.25 -6.64 21.36
C TYR A 333 5.51 -7.22 22.74
N ILE A 334 6.67 -6.94 23.34
CA ILE A 334 6.95 -7.49 24.65
C ILE A 334 5.93 -7.00 25.66
N LYS A 335 5.39 -5.80 25.45
CA LYS A 335 4.47 -5.22 26.43
C LYS A 335 3.15 -5.97 26.49
N ILE A 336 2.63 -6.43 25.36
CA ILE A 336 1.35 -7.13 25.39
C ILE A 336 1.49 -8.60 25.79
N TYR A 337 2.70 -9.11 25.91
CA TYR A 337 2.89 -10.51 26.30
C TYR A 337 3.36 -10.61 27.76
N LEU A 342 -2.07 -15.41 26.42
CA LEU A 342 -2.01 -14.81 25.09
C LEU A 342 -2.83 -13.53 25.01
N PRO A 343 -2.33 -12.54 24.28
CA PRO A 343 -3.09 -11.29 24.09
C PRO A 343 -4.17 -11.46 23.01
N HIS A 344 -5.08 -10.49 22.99
CA HIS A 344 -6.20 -10.42 22.07
C HIS A 344 -5.74 -9.93 20.70
N PRO A 345 -6.49 -10.25 19.63
CA PRO A 345 -6.10 -9.72 18.30
C PRO A 345 -6.02 -8.21 18.29
N LYS A 346 -6.94 -7.54 18.98
CA LYS A 346 -6.94 -6.08 19.08
C LYS A 346 -5.69 -5.58 19.79
N SER A 347 -5.29 -6.24 20.89
CA SER A 347 -4.05 -5.84 21.56
C SER A 347 -2.84 -6.09 20.67
N MET A 348 -2.84 -7.18 19.91
CA MET A 348 -1.73 -7.43 18.99
C MET A 348 -1.69 -6.35 17.91
N LEU A 349 -2.84 -6.00 17.35
CA LEU A 349 -2.90 -4.99 16.31
C LEU A 349 -2.47 -3.63 16.84
N GLN A 350 -2.89 -3.28 18.07
CA GLN A 350 -2.49 -1.98 18.59
C GLN A 350 -0.99 -1.92 18.82
N ALA A 351 -0.38 -3.01 19.29
CA ALA A 351 1.06 -3.04 19.42
C ALA A 351 1.74 -2.89 18.08
N THR A 352 1.17 -3.46 17.02
CA THR A 352 1.77 -3.32 15.70
C THR A 352 1.71 -1.87 15.22
N ALA A 353 0.57 -1.21 15.43
CA ALA A 353 0.44 0.19 15.01
C ALA A 353 1.39 1.07 15.82
N GLU A 354 1.53 0.78 17.12
CA GLU A 354 2.43 1.56 17.95
C GLU A 354 3.88 1.43 17.48
N ALA A 355 4.34 0.19 17.22
CA ALA A 355 5.70 0.02 16.70
C ALA A 355 5.84 0.68 15.34
N ASN A 356 4.82 0.53 14.50
CA ASN A 356 4.84 1.14 13.18
C ASN A 356 5.02 2.66 13.27
N ASN A 357 4.33 3.32 14.20
CA ASN A 357 4.50 4.76 14.31
C ASN A 357 5.86 5.10 14.92
N LEU A 358 6.30 4.31 15.89
CA LEU A 358 7.57 4.61 16.54
C LEU A 358 8.75 4.33 15.61
N ALA A 359 8.62 3.38 14.68
CA ALA A 359 9.67 3.19 13.70
C ALA A 359 9.77 4.41 12.80
N ALA A 360 8.64 5.04 12.48
CA ALA A 360 8.66 6.27 11.70
C ALA A 360 9.23 7.44 12.49
N VAL A 361 8.94 7.49 13.80
CA VAL A 361 9.57 8.49 14.67
C VAL A 361 11.08 8.34 14.62
N ALA A 362 11.56 7.10 14.74
CA ALA A 362 13.00 6.88 14.78
C ALA A 362 13.66 7.27 13.46
N THR A 363 13.02 6.94 12.34
CA THR A 363 13.58 7.28 11.04
C THR A 363 13.69 8.79 10.85
N ALA A 364 12.59 9.52 11.14
CA ALA A 364 12.61 10.97 10.98
C ALA A 364 13.60 11.63 11.94
N LYS A 365 13.69 11.13 13.17
CA LYS A 365 14.62 11.71 14.13
C LYS A 365 16.06 11.47 13.71
N ASP A 366 16.38 10.26 13.26
CA ASP A 366 17.76 9.99 12.84
C ASP A 366 18.15 10.89 11.67
N THR A 367 17.23 11.10 10.73
CA THR A 367 17.47 12.02 9.61
C THR A 367 17.83 13.40 10.11
N TYR A 368 17.02 13.97 11.02
CA TYR A 368 17.36 15.28 11.58
C TYR A 368 18.68 15.22 12.31
N ASN A 369 18.96 14.12 13.03
CA ASN A 369 20.17 14.09 13.87
C ASN A 369 21.44 14.06 13.03
N LYS A 370 21.49 13.21 12.00
CA LYS A 370 22.72 13.11 11.21
C LYS A 370 22.93 14.36 10.38
N LYS A 371 21.86 14.97 9.88
CA LYS A 371 22.04 16.20 9.11
C LYS A 371 22.49 17.35 10.00
N MET A 372 22.04 17.38 11.27
CA MET A 372 22.51 18.41 12.19
C MET A 372 23.97 18.17 12.60
N GLU A 373 24.35 16.92 12.83
CA GLU A 373 25.75 16.62 13.13
C GLU A 373 26.65 17.07 11.98
N GLU A 374 26.20 16.84 10.74
CA GLU A 374 26.95 17.33 9.58
C GLU A 374 27.12 18.85 9.61
N ILE A 375 26.28 19.55 10.37
CA ILE A 375 26.28 21.01 10.47
C ILE A 375 27.09 21.46 11.68
N CYS A 376 27.06 20.69 12.77
CA CYS A 376 27.83 21.00 13.98
C CYS A 376 28.75 19.80 14.24
N GLY A 377 29.88 19.76 13.53
CA GLY A 377 30.86 18.70 13.69
C GLY A 377 32.29 19.15 13.47
N PHE A 382 31.87 26.55 14.30
CA PHE A 382 30.96 27.45 15.00
C PHE A 382 30.06 28.22 14.04
N LEU A 383 28.75 28.12 14.24
CA LEU A 383 27.76 28.83 13.44
C LEU A 383 27.07 29.90 14.27
N ALA A 384 26.58 30.94 13.60
CA ALA A 384 25.84 31.99 14.27
C ALA A 384 24.61 31.41 14.96
N PRO A 385 24.21 31.95 16.12
CA PRO A 385 23.04 31.39 16.81
C PRO A 385 21.77 31.41 15.97
N ASN A 386 21.49 32.49 15.23
CA ASN A 386 20.25 32.51 14.46
C ASN A 386 20.38 31.73 13.16
N ASP A 387 21.62 31.53 12.68
CA ASP A 387 21.80 30.63 11.56
C ASP A 387 21.68 29.18 12.01
N LEU A 388 22.02 28.91 13.27
CA LEU A 388 21.80 27.58 13.83
C LEU A 388 20.34 27.32 14.14
N GLN A 389 19.60 28.35 14.54
CA GLN A 389 18.16 28.21 14.72
C GLN A 389 17.46 27.98 13.39
N THR A 390 17.81 28.79 12.38
CA THR A 390 17.17 28.69 11.07
C THR A 390 17.41 27.33 10.44
N LYS A 391 18.62 26.82 10.53
CA LYS A 391 18.88 25.48 10.00
C LYS A 391 18.14 24.42 10.81
N HIS A 392 18.04 24.62 12.13
CA HIS A 392 17.27 23.70 12.97
C HIS A 392 15.81 23.67 12.55
N LEU A 393 15.17 24.83 12.49
CA LEU A 393 13.76 24.87 12.12
C LEU A 393 13.54 24.29 10.73
N GLN A 394 14.51 24.44 9.83
CA GLN A 394 14.35 23.87 8.50
C GLN A 394 14.47 22.35 8.54
N LEU A 395 15.50 21.83 9.20
CA LEU A 395 15.66 20.39 9.28
C LEU A 395 14.56 19.76 10.12
N LYS A 396 14.04 20.48 11.12
CA LYS A 396 12.95 19.91 11.93
C LYS A 396 11.68 19.75 11.10
N GLU A 397 11.34 20.77 10.30
CA GLU A 397 10.16 20.66 9.45
C GLU A 397 10.32 19.58 8.39
N GLU A 398 11.53 19.40 7.86
CA GLU A 398 11.75 18.30 6.93
C GLU A 398 11.52 16.95 7.60
N SER A 399 11.98 16.78 8.84
CA SER A 399 11.73 15.51 9.53
C SER A 399 10.27 15.35 9.88
N VAL A 400 9.59 16.45 10.18
CA VAL A 400 8.15 16.40 10.42
C VAL A 400 7.43 15.94 9.16
N LYS A 401 7.75 16.57 8.02
CA LYS A 401 7.15 16.17 6.75
C LYS A 401 7.49 14.73 6.42
N LEU A 402 8.72 14.31 6.71
CA LEU A 402 9.09 12.93 6.47
C LEU A 402 8.18 11.98 7.24
N PHE A 403 7.95 12.29 8.52
CA PHE A 403 7.09 11.46 9.36
C PHE A 403 5.64 11.47 8.87
N ARG A 404 5.14 12.64 8.45
CA ARG A 404 3.76 12.70 7.99
C ARG A 404 3.56 11.92 6.70
N GLY A 405 4.59 11.86 5.85
CA GLY A 405 4.47 11.14 4.59
C GLY A 405 4.51 9.62 4.71
N VAL A 406 5.04 9.10 5.82
CA VAL A 406 5.04 7.66 6.02
C VAL A 406 3.61 7.15 6.15
N LYS A 407 3.32 6.04 5.50
CA LYS A 407 2.01 5.40 5.66
C LYS A 407 2.03 4.69 7.01
N LYS A 408 1.39 5.28 8.00
CA LYS A 408 1.43 4.75 9.36
C LYS A 408 0.07 4.17 9.71
N MET A 409 0.08 3.16 10.59
CA MET A 409 -1.18 2.58 11.01
C MET A 409 -1.81 3.38 12.15
N GLY A 410 -3.09 3.12 12.40
CA GLY A 410 -3.77 3.64 13.56
C GLY A 410 -4.66 4.85 13.33
N GLY A 411 -4.43 5.62 12.29
CA GLY A 411 -5.24 6.79 12.04
C GLY A 411 -4.56 8.07 12.50
N GLU A 412 -5.08 9.20 12.02
CA GLU A 412 -4.41 10.47 12.24
C GLU A 412 -4.32 10.82 13.71
N GLU A 413 -5.41 10.64 14.46
CA GLU A 413 -5.40 10.98 15.88
C GLU A 413 -4.41 10.10 16.62
N PHE A 414 -4.37 8.81 16.29
CA PHE A 414 -3.38 7.92 16.87
C PHE A 414 -1.97 8.39 16.58
N SER A 415 -1.70 8.83 15.35
CA SER A 415 -0.35 9.21 14.96
C SER A 415 0.07 10.60 15.46
N ARG A 416 -0.90 11.48 15.77
CA ARG A 416 -0.59 12.80 16.27
C ARG A 416 0.28 12.72 17.51
N ARG A 417 0.00 11.75 18.37
CA ARG A 417 0.79 11.57 19.59
C ARG A 417 2.24 11.25 19.26
N TYR A 418 2.47 10.50 18.19
CA TYR A 418 3.85 10.16 17.86
C TYR A 418 4.55 11.28 17.12
N LEU A 419 3.81 12.08 16.34
CA LEU A 419 4.41 13.29 15.79
C LEU A 419 4.87 14.21 16.91
N GLN A 420 4.06 14.37 17.96
CA GLN A 420 4.44 15.24 19.07
C GLN A 420 5.61 14.66 19.86
N GLN A 421 5.73 13.34 19.92
CA GLN A 421 6.93 12.75 20.52
C GLN A 421 8.16 13.04 19.66
N LEU A 422 8.03 12.89 18.34
CA LEU A 422 9.12 13.23 17.43
C LEU A 422 9.60 14.67 17.63
N GLU A 423 8.65 15.63 17.65
CA GLU A 423 9.02 17.03 17.81
C GLU A 423 9.71 17.28 19.14
N SER A 424 9.25 16.62 20.20
CA SER A 424 9.89 16.77 21.50
C SER A 424 11.29 16.18 21.51
N GLU A 425 11.48 15.02 20.89
CA GLU A 425 12.83 14.45 20.85
C GLU A 425 13.77 15.29 19.99
N ILE A 426 13.25 15.84 18.89
CA ILE A 426 14.06 16.72 18.05
C ILE A 426 14.48 17.97 18.81
N ASP A 427 13.55 18.56 19.58
CA ASP A 427 13.90 19.73 20.38
C ASP A 427 14.90 19.40 21.48
N GLU A 428 14.82 18.19 22.03
CA GLU A 428 15.84 17.74 22.97
C GLU A 428 17.22 17.75 22.33
N LEU A 429 17.31 17.21 21.11
CA LEU A 429 18.57 17.22 20.39
C LEU A 429 19.05 18.64 20.11
N TYR A 430 18.12 19.54 19.75
CA TYR A 430 18.51 20.90 19.41
C TYR A 430 19.18 21.60 20.58
N ILE A 431 18.63 21.42 21.79
CA ILE A 431 19.22 22.03 22.98
C ILE A 431 20.62 21.48 23.22
N GLN A 432 20.84 20.20 22.96
CA GLN A 432 22.19 19.65 23.02
C GLN A 432 23.10 20.33 22.00
N TYR A 433 22.60 20.53 20.78
CA TYR A 433 23.42 21.16 19.75
C TYR A 433 23.75 22.61 20.08
N ILE A 434 22.84 23.33 20.74
CA ILE A 434 23.16 24.69 21.17
C ILE A 434 24.27 24.68 22.20
N LYS A 435 24.21 23.75 23.16
CA LYS A 435 25.27 23.66 24.15
C LYS A 435 26.58 23.25 23.49
N HIS A 436 26.51 22.39 22.49
CA HIS A 436 27.72 22.01 21.76
C HIS A 436 28.25 23.17 20.93
N ASN A 437 27.38 24.07 20.50
CA ASN A 437 27.81 25.23 19.72
C ASN A 437 28.19 26.42 20.59
N ASP A 438 27.65 26.51 21.81
CA ASP A 438 28.10 27.52 22.75
C ASP A 438 29.53 27.25 23.21
N SER A 439 29.97 26.00 23.14
CA SER A 439 31.31 25.61 23.57
C SER A 439 32.41 25.97 22.55
N VAL B 30 -19.51 34.06 -26.63
CA VAL B 30 -19.22 33.04 -27.63
C VAL B 30 -19.11 31.67 -26.95
N LYS B 31 -18.52 31.66 -25.76
CA LYS B 31 -18.31 30.44 -24.99
C LYS B 31 -19.33 30.35 -23.87
N LYS B 32 -19.88 29.15 -23.69
CA LYS B 32 -20.81 28.90 -22.59
C LYS B 32 -20.60 27.48 -22.09
N ALA B 33 -20.51 27.33 -20.78
CA ALA B 33 -20.38 26.02 -20.17
C ALA B 33 -21.60 25.16 -20.47
N GLY B 34 -21.37 23.87 -20.61
CA GLY B 34 -22.43 22.93 -20.87
C GLY B 34 -21.87 21.52 -20.85
N PRO B 35 -22.75 20.51 -20.96
CA PRO B 35 -22.28 19.13 -20.94
C PRO B 35 -21.67 18.73 -22.28
N VAL B 36 -20.57 17.99 -22.22
CA VAL B 36 -19.86 17.52 -23.41
C VAL B 36 -19.78 15.99 -23.37
N GLN B 37 -20.31 15.35 -24.40
CA GLN B 37 -20.20 13.90 -24.57
C GLN B 37 -18.76 13.55 -24.88
N VAL B 38 -18.06 12.89 -23.95
CA VAL B 38 -16.69 12.47 -24.18
C VAL B 38 -16.58 10.97 -24.42
N LEU B 39 -17.50 10.18 -23.87
CA LEU B 39 -17.54 8.74 -24.04
C LEU B 39 -18.95 8.39 -24.48
N ILE B 40 -19.07 7.67 -25.59
CA ILE B 40 -20.37 7.29 -26.13
C ILE B 40 -20.33 5.82 -26.55
N VAL B 41 -21.40 5.09 -26.25
CA VAL B 41 -21.54 3.71 -26.68
C VAL B 41 -22.12 3.69 -28.10
N LYS B 42 -21.55 2.85 -28.95
CA LYS B 42 -21.95 2.74 -30.36
C LYS B 42 -21.67 4.04 -31.10
N ASP B 44 -22.86 -0.94 -33.99
CA ASP B 44 -23.15 -0.37 -32.68
C ASP B 44 -22.53 -1.20 -31.56
N HIS B 45 -22.69 -0.68 -30.34
CA HIS B 45 -22.27 -1.24 -29.05
C HIS B 45 -20.78 -1.12 -28.79
N SER B 46 -20.03 -0.37 -29.60
CA SER B 46 -18.63 -0.12 -29.34
C SER B 46 -18.49 1.18 -28.55
N PHE B 47 -17.58 1.18 -27.57
CA PHE B 47 -17.34 2.36 -26.74
C PHE B 47 -16.28 3.23 -27.41
N GLU B 48 -16.56 4.53 -27.49
CA GLU B 48 -15.71 5.46 -28.21
C GLU B 48 -15.41 6.68 -27.36
N LEU B 49 -14.14 7.10 -27.37
CA LEU B 49 -13.69 8.28 -26.65
C LEU B 49 -13.48 9.42 -27.64
N ASP B 50 -14.11 10.56 -27.38
CA ASP B 50 -13.93 11.77 -28.18
C ASP B 50 -12.69 12.48 -27.67
N GLU B 51 -11.52 12.08 -28.20
CA GLU B 51 -10.27 12.64 -27.69
C GLU B 51 -10.16 14.13 -27.95
N THR B 52 -10.61 14.59 -29.13
CA THR B 52 -10.59 16.02 -29.43
C THR B 52 -11.38 16.81 -28.40
N ALA B 53 -12.59 16.33 -28.05
CA ALA B 53 -13.40 17.06 -27.08
C ALA B 53 -12.80 17.00 -25.69
N LEU B 54 -12.26 15.84 -25.32
CA LEU B 54 -11.59 15.72 -24.02
C LEU B 54 -10.40 16.66 -23.93
N ASN B 55 -9.55 16.70 -24.98
CA ASN B 55 -8.40 17.60 -24.97
C ASN B 55 -8.82 19.05 -24.85
N ARG B 56 -9.84 19.47 -25.59
CA ARG B 56 -10.28 20.87 -25.55
C ARG B 56 -10.65 21.29 -24.15
N ILE B 57 -11.24 20.41 -23.35
CA ILE B 57 -11.65 20.80 -22.01
C ILE B 57 -10.53 20.65 -20.99
N LEU B 58 -9.70 19.61 -21.07
CA LEU B 58 -8.78 19.35 -19.97
C LEU B 58 -7.38 19.90 -20.20
N LEU B 59 -7.03 20.28 -21.41
CA LEU B 59 -5.67 20.74 -21.73
C LEU B 59 -5.61 22.24 -21.94
N SER B 60 -6.65 22.99 -21.56
CA SER B 60 -6.59 24.44 -21.66
C SER B 60 -5.49 24.94 -20.74
N GLU B 61 -4.89 26.07 -21.13
CA GLU B 61 -3.82 26.66 -20.34
C GLU B 61 -4.26 26.86 -18.90
N ALA B 62 -5.52 27.21 -18.68
CA ALA B 62 -5.94 27.53 -17.32
C ALA B 62 -5.95 26.32 -16.38
N VAL B 63 -6.24 25.12 -16.88
CA VAL B 63 -6.44 23.98 -15.98
C VAL B 63 -5.44 22.85 -16.19
N ARG B 64 -4.65 22.86 -17.27
CA ARG B 64 -3.90 21.65 -17.65
C ARG B 64 -2.93 21.22 -16.54
N ASP B 65 -2.33 22.17 -15.85
CA ASP B 65 -1.35 21.83 -14.81
C ASP B 65 -1.96 21.81 -13.42
N LYS B 66 -3.28 21.96 -13.30
CA LYS B 66 -3.91 21.96 -12.00
C LYS B 66 -4.18 20.53 -11.56
N GLU B 67 -3.99 20.27 -10.27
CA GLU B 67 -4.43 18.98 -9.73
C GLU B 67 -5.94 18.89 -9.79
N VAL B 68 -6.45 17.70 -10.14
CA VAL B 68 -7.85 17.53 -10.53
C VAL B 68 -8.57 16.65 -9.52
N VAL B 69 -9.81 17.03 -9.20
CA VAL B 69 -10.80 16.24 -8.48
C VAL B 69 -11.80 15.78 -9.51
N ALA B 70 -11.92 14.48 -9.72
CA ALA B 70 -12.79 13.96 -10.77
C ALA B 70 -14.05 13.41 -10.10
N VAL B 71 -15.16 14.14 -10.23
CA VAL B 71 -16.43 13.79 -9.61
C VAL B 71 -17.32 13.13 -10.65
N SER B 72 -17.84 11.95 -10.33
CA SER B 72 -18.72 11.20 -11.20
C SER B 72 -19.97 10.82 -10.42
N VAL B 73 -21.12 10.98 -11.07
CA VAL B 73 -22.40 10.46 -10.59
C VAL B 73 -22.82 9.40 -11.57
N ALA B 74 -22.98 8.17 -11.09
CA ALA B 74 -23.27 7.05 -11.96
C ALA B 74 -24.45 6.29 -11.39
N GLY B 75 -25.16 5.60 -12.26
CA GLY B 75 -26.25 4.73 -11.81
C GLY B 75 -27.30 4.60 -12.89
N ALA B 76 -28.31 3.77 -12.58
CA ALA B 76 -29.36 3.43 -13.54
C ALA B 76 -30.00 4.66 -14.16
N PHE B 77 -30.58 4.50 -15.35
CA PHE B 77 -31.22 5.61 -16.04
C PHE B 77 -32.43 6.12 -15.25
N ALA B 78 -32.66 7.43 -15.33
CA ALA B 78 -33.90 8.05 -14.86
C ALA B 78 -34.09 7.95 -13.35
N LYS B 79 -33.00 7.96 -12.58
CA LYS B 79 -33.08 7.93 -11.12
C LYS B 79 -32.61 9.23 -10.47
N GLY B 80 -32.58 10.32 -11.24
CA GLY B 80 -32.32 11.64 -10.68
C GLY B 80 -30.88 12.09 -10.70
N LYS B 81 -30.03 11.48 -11.52
CA LYS B 81 -28.64 11.91 -11.55
C LYS B 81 -28.53 13.32 -12.10
N SER B 82 -29.17 13.60 -13.23
CA SER B 82 -29.09 14.92 -13.85
C SER B 82 -29.67 16.01 -12.95
N PHE B 83 -30.79 15.71 -12.30
CA PHE B 83 -31.40 16.63 -11.34
C PHE B 83 -30.44 16.95 -10.21
N LEU B 84 -29.79 15.94 -9.66
CA LEU B 84 -28.76 16.19 -8.65
C LEU B 84 -27.63 17.04 -9.21
N MET B 85 -27.20 16.76 -10.44
CA MET B 85 -26.07 17.49 -11.02
C MET B 85 -26.38 18.97 -11.21
N ASP B 86 -27.62 19.30 -11.55
CA ASP B 86 -27.97 20.71 -11.70
C ASP B 86 -27.81 21.43 -10.36
N PHE B 87 -28.19 20.79 -9.25
CA PHE B 87 -27.93 21.39 -7.95
C PHE B 87 -26.43 21.42 -7.62
N MET B 88 -25.65 20.40 -8.06
CA MET B 88 -24.21 20.46 -7.85
C MET B 88 -23.60 21.66 -8.57
N LEU B 89 -24.09 21.95 -9.77
CA LEU B 89 -23.62 23.12 -10.51
C LEU B 89 -23.95 24.41 -9.79
N ARG B 90 -25.15 24.50 -9.21
CA ARG B 90 -25.52 25.72 -8.48
C ARG B 90 -24.53 25.99 -7.35
N TYR B 91 -24.14 24.95 -6.63
CA TYR B 91 -23.16 25.11 -5.57
C TYR B 91 -21.79 25.48 -6.12
N MET B 92 -21.32 24.76 -7.15
CA MET B 92 -20.00 25.02 -7.71
C MET B 92 -19.86 26.45 -8.21
N TYR B 93 -20.93 26.98 -8.80
CA TYR B 93 -20.88 28.34 -9.30
C TYR B 93 -21.03 29.39 -8.20
N ASN B 94 -21.30 28.99 -6.96
CA ASN B 94 -21.47 29.98 -5.90
C ASN B 94 -21.18 29.37 -4.54
N GLN B 95 -20.00 28.76 -4.39
CA GLN B 95 -19.70 28.02 -3.17
C GLN B 95 -19.83 28.88 -1.94
N GLU B 96 -19.51 30.18 -2.06
CA GLU B 96 -19.49 31.10 -0.94
C GLU B 96 -20.84 31.74 -0.65
N SER B 97 -21.90 31.41 -1.39
CA SER B 97 -23.21 32.00 -1.14
C SER B 97 -23.99 31.12 -0.18
N VAL B 98 -24.51 31.73 0.90
CA VAL B 98 -25.34 30.93 1.80
C VAL B 98 -26.63 30.50 1.10
N ASP B 99 -27.04 31.22 0.06
CA ASP B 99 -28.26 30.96 -0.68
C ASP B 99 -28.01 30.24 -2.01
N TRP B 100 -26.93 29.45 -2.12
CA TRP B 100 -26.56 28.85 -3.40
C TRP B 100 -27.67 27.97 -3.99
N VAL B 101 -28.54 27.39 -3.16
CA VAL B 101 -29.48 26.43 -3.75
C VAL B 101 -30.53 27.15 -4.59
N GLY B 102 -30.84 28.40 -4.26
CA GLY B 102 -31.76 29.19 -5.07
C GLY B 102 -32.75 29.97 -4.26
N THR B 109 -28.49 24.24 -14.14
CA THR B 109 -29.56 23.61 -14.91
C THR B 109 -29.06 23.21 -16.29
N GLY B 110 -27.86 22.63 -16.34
CA GLY B 110 -27.22 22.29 -17.58
C GLY B 110 -27.44 20.87 -18.05
N PHE B 111 -26.96 19.88 -17.30
CA PHE B 111 -27.23 18.50 -17.63
C PHE B 111 -28.73 18.29 -17.76
N SER B 112 -29.14 17.53 -18.78
CA SER B 112 -30.56 17.31 -19.03
C SER B 112 -31.00 15.88 -18.68
N THR B 121 -27.53 7.93 -25.06
CA THR B 121 -27.95 7.50 -23.73
C THR B 121 -26.73 7.11 -22.89
N THR B 122 -26.21 5.90 -23.11
CA THR B 122 -25.12 5.37 -22.30
C THR B 122 -23.79 6.02 -22.69
N GLY B 123 -23.06 6.49 -21.69
CA GLY B 123 -21.83 7.19 -21.93
C GLY B 123 -21.47 8.06 -20.74
N ILE B 124 -20.54 8.97 -20.98
CA ILE B 124 -20.09 9.90 -19.95
C ILE B 124 -20.07 11.29 -20.56
N GLN B 125 -20.74 12.23 -19.91
CA GLN B 125 -20.72 13.65 -20.26
C GLN B 125 -19.95 14.42 -19.20
N ILE B 126 -19.15 15.39 -19.62
CA ILE B 126 -18.45 16.21 -18.64
C ILE B 126 -18.88 17.66 -18.82
N TRP B 127 -18.84 18.40 -17.72
CA TRP B 127 -19.19 19.81 -17.75
C TRP B 127 -17.97 20.59 -18.22
N SER B 128 -18.14 21.42 -19.24
CA SER B 128 -16.99 22.04 -19.89
C SER B 128 -16.30 23.14 -19.07
N GLU B 129 -16.95 23.66 -18.04
CA GLU B 129 -16.25 24.55 -17.12
C GLU B 129 -15.54 23.69 -16.09
N ILE B 130 -14.22 23.60 -16.18
CA ILE B 130 -13.45 22.91 -15.13
C ILE B 130 -13.26 23.91 -14.00
N PHE B 131 -13.98 23.72 -12.90
CA PHE B 131 -13.98 24.69 -11.80
C PHE B 131 -12.63 24.72 -11.12
N LEU B 132 -12.06 25.92 -10.94
CA LEU B 132 -10.86 26.09 -10.13
C LEU B 132 -11.24 26.58 -8.73
N ILE B 133 -11.06 25.72 -7.73
CA ILE B 133 -11.53 25.98 -6.37
C ILE B 133 -10.35 26.16 -5.45
N ASN B 134 -10.33 27.25 -4.69
CA ASN B 134 -9.36 27.44 -3.61
C ASN B 134 -9.55 26.41 -2.52
N LYS B 135 -8.53 25.59 -2.27
CA LYS B 135 -8.47 24.73 -1.09
C LYS B 135 -7.83 25.45 0.08
N PRO B 136 -8.12 25.04 1.31
CA PRO B 136 -7.57 25.75 2.47
C PRO B 136 -6.04 25.70 2.55
N ASP B 137 -5.39 24.70 1.95
CA ASP B 137 -3.94 24.59 2.03
C ASP B 137 -3.19 25.50 1.06
N GLY B 138 -3.90 26.36 0.32
CA GLY B 138 -3.26 27.24 -0.65
C GLY B 138 -3.25 26.73 -2.07
N LYS B 139 -3.77 25.53 -2.32
CA LYS B 139 -3.85 25.06 -3.68
C LYS B 139 -5.08 25.61 -4.37
N LYS B 140 -4.99 25.75 -5.68
CA LYS B 140 -6.14 25.91 -6.57
C LYS B 140 -6.32 24.57 -7.28
N VAL B 141 -7.42 23.86 -6.99
CA VAL B 141 -7.61 22.53 -7.57
C VAL B 141 -8.65 22.62 -8.67
N ALA B 142 -8.49 21.80 -9.70
CA ALA B 142 -9.48 21.71 -10.76
C ALA B 142 -10.53 20.68 -10.39
N VAL B 143 -11.80 20.99 -10.69
CA VAL B 143 -12.93 20.14 -10.30
C VAL B 143 -13.71 19.80 -11.55
N LEU B 144 -13.65 18.53 -11.96
CA LEU B 144 -14.30 18.03 -13.16
C LEU B 144 -15.53 17.23 -12.76
N LEU B 145 -16.69 17.59 -13.32
CA LEU B 145 -17.95 16.91 -13.04
C LEU B 145 -18.33 16.05 -14.23
N MET B 146 -18.63 14.78 -13.97
CA MET B 146 -18.96 13.80 -14.98
C MET B 146 -20.30 13.18 -14.65
N ASP B 147 -21.19 13.12 -15.64
CA ASP B 147 -22.47 12.42 -15.53
C ASP B 147 -22.33 11.09 -16.27
N THR B 148 -22.42 9.99 -15.53
CA THR B 148 -22.20 8.65 -16.06
C THR B 148 -23.54 7.93 -16.17
N GLN B 149 -24.03 7.79 -17.40
CA GLN B 149 -25.37 7.31 -17.66
C GLN B 149 -25.34 5.86 -18.11
N GLY B 150 -26.32 5.09 -17.64
CA GLY B 150 -26.44 3.69 -18.00
C GLY B 150 -27.78 3.08 -17.63
N LEU B 158 -27.15 -4.38 -22.37
CA LEU B 158 -27.32 -4.25 -20.91
C LEU B 158 -25.97 -4.20 -20.21
N ARG B 159 -25.06 -5.08 -20.62
CA ARG B 159 -23.72 -5.18 -20.02
C ARG B 159 -22.81 -4.02 -20.39
N ASP B 160 -23.22 -3.15 -21.32
CA ASP B 160 -22.45 -1.95 -21.61
C ASP B 160 -22.46 -0.99 -20.42
N SER B 161 -23.53 -0.99 -19.62
CA SER B 161 -23.56 -0.15 -18.44
C SER B 161 -22.51 -0.57 -17.42
N ALA B 162 -22.12 -1.86 -17.41
CA ALA B 162 -21.09 -2.30 -16.49
C ALA B 162 -19.73 -1.77 -16.93
N THR B 163 -19.50 -1.71 -18.24
CA THR B 163 -18.25 -1.14 -18.75
C THR B 163 -18.15 0.34 -18.37
N VAL B 164 -19.21 1.10 -18.64
CA VAL B 164 -19.18 2.53 -18.36
C VAL B 164 -19.03 2.80 -16.87
N PHE B 165 -19.69 2.00 -16.02
CA PHE B 165 -19.54 2.20 -14.58
C PHE B 165 -18.12 1.93 -14.13
N ALA B 166 -17.50 0.88 -14.67
CA ALA B 166 -16.11 0.59 -14.31
C ALA B 166 -15.19 1.71 -14.80
N LEU B 167 -15.37 2.12 -16.05
CA LEU B 167 -14.59 3.21 -16.61
C LEU B 167 -14.71 4.49 -15.77
N SER B 168 -15.94 4.89 -15.43
CA SER B 168 -16.07 6.12 -14.67
C SER B 168 -15.42 5.99 -13.29
N THR B 169 -15.47 4.80 -12.69
CA THR B 169 -14.85 4.59 -11.38
C THR B 169 -13.32 4.67 -11.46
N MET B 170 -12.73 4.10 -12.51
CA MET B 170 -11.28 4.16 -12.69
C MET B 170 -10.81 5.60 -12.81
N ILE B 171 -11.58 6.43 -13.51
CA ILE B 171 -11.20 7.83 -13.74
C ILE B 171 -11.45 8.68 -12.50
N SER B 172 -12.55 8.41 -11.79
CA SER B 172 -13.00 9.28 -10.72
C SER B 172 -12.04 9.25 -9.53
N SER B 173 -12.12 10.32 -8.74
CA SER B 173 -11.64 10.35 -7.37
C SER B 173 -12.78 10.52 -6.37
N ILE B 174 -13.97 10.92 -6.84
CA ILE B 174 -15.21 10.85 -6.06
C ILE B 174 -16.25 10.20 -6.95
N GLN B 175 -16.71 9.03 -6.57
CA GLN B 175 -17.72 8.32 -7.35
C GLN B 175 -18.98 8.32 -6.49
N VAL B 176 -20.01 9.02 -6.98
CA VAL B 176 -21.32 9.03 -6.33
C VAL B 176 -22.15 7.97 -7.04
N TYR B 177 -22.40 6.86 -6.34
CA TYR B 177 -23.19 5.77 -6.91
C TYR B 177 -24.65 6.01 -6.54
N ASN B 178 -25.45 6.45 -7.52
CA ASN B 178 -26.83 6.89 -7.28
C ASN B 178 -27.77 5.70 -7.37
N LEU B 179 -28.43 5.38 -6.27
CA LEU B 179 -29.29 4.21 -6.16
C LEU B 179 -30.67 4.60 -5.66
N SER B 180 -31.68 3.89 -6.14
CA SER B 180 -33.07 4.18 -5.79
C SER B 180 -33.51 3.25 -4.68
N GLN B 181 -33.86 3.83 -3.53
CA GLN B 181 -34.50 3.16 -2.41
C GLN B 181 -33.58 2.21 -1.64
N ASN B 182 -32.70 1.48 -2.30
CA ASN B 182 -31.98 0.45 -1.57
C ASN B 182 -30.74 0.05 -2.33
N VAL B 183 -29.81 -0.58 -1.62
CA VAL B 183 -28.62 -1.19 -2.17
C VAL B 183 -28.94 -2.66 -2.34
N GLN B 184 -29.03 -3.10 -3.59
CA GLN B 184 -29.35 -4.48 -3.94
C GLN B 184 -28.07 -5.27 -4.21
N GLU B 185 -28.22 -6.60 -4.22
CA GLU B 185 -27.09 -7.48 -4.45
C GLU B 185 -26.45 -7.24 -5.81
N ASP B 186 -27.26 -7.01 -6.84
CA ASP B 186 -26.71 -6.62 -8.13
C ASP B 186 -25.92 -5.32 -8.04
N ASP B 187 -26.33 -4.42 -7.13
CA ASP B 187 -25.61 -3.15 -6.98
C ASP B 187 -24.22 -3.37 -6.39
N LEU B 188 -24.10 -4.26 -5.40
CA LEU B 188 -22.80 -4.51 -4.81
C LEU B 188 -21.92 -5.35 -5.73
N GLN B 189 -22.53 -6.22 -6.55
CA GLN B 189 -21.74 -7.02 -7.47
C GLN B 189 -20.89 -6.14 -8.36
N HIS B 190 -21.34 -4.91 -8.66
CA HIS B 190 -20.53 -4.01 -9.46
C HIS B 190 -19.25 -3.62 -8.73
N LEU B 191 -19.31 -3.43 -7.42
CA LEU B 191 -18.10 -3.07 -6.69
C LEU B 191 -17.24 -4.29 -6.42
N GLN B 192 -17.86 -5.46 -6.31
CA GLN B 192 -17.11 -6.65 -5.92
C GLN B 192 -16.12 -7.04 -7.02
N LEU B 193 -16.46 -6.73 -8.28
CA LEU B 193 -15.58 -7.08 -9.39
C LEU B 193 -14.22 -6.39 -9.30
N PHE B 194 -14.13 -5.20 -8.71
CA PHE B 194 -12.84 -4.55 -8.55
C PHE B 194 -11.91 -5.23 -7.54
N THR B 195 -12.40 -6.21 -6.79
CA THR B 195 -11.60 -6.78 -5.70
C THR B 195 -10.22 -7.19 -6.17
N GLU B 196 -10.13 -7.96 -7.25
CA GLU B 196 -8.83 -8.50 -7.63
C GLU B 196 -7.93 -7.44 -8.25
N TYR B 197 -8.49 -6.47 -8.98
CA TYR B 197 -7.66 -5.34 -9.41
C TYR B 197 -7.13 -4.59 -8.21
N GLY B 198 -8.00 -4.32 -7.24
CA GLY B 198 -7.58 -3.64 -6.03
C GLY B 198 -6.52 -4.41 -5.28
N ARG B 199 -6.66 -5.74 -5.22
CA ARG B 199 -5.64 -6.56 -4.59
C ARG B 199 -4.31 -6.45 -5.36
N LEU B 200 -4.35 -6.60 -6.69
CA LEU B 200 -3.12 -6.49 -7.47
C LEU B 200 -2.50 -5.11 -7.32
N ALA B 201 -3.33 -4.06 -7.29
CA ALA B 201 -2.82 -2.71 -7.22
C ALA B 201 -2.07 -2.47 -5.92
N MET B 202 -2.59 -2.96 -4.79
CA MET B 202 -1.86 -2.67 -3.56
C MET B 202 -0.67 -3.59 -3.40
N GLU B 203 -0.71 -4.74 -4.04
CA GLU B 203 0.45 -5.64 -4.03
C GLU B 203 1.66 -4.99 -4.67
N GLU B 204 1.45 -4.09 -5.64
CA GLU B 204 2.57 -3.55 -6.39
C GLU B 204 2.85 -2.07 -6.12
N THR B 205 1.98 -1.38 -5.38
CA THR B 205 2.21 0.02 -5.05
C THR B 205 2.01 0.32 -3.58
N PHE B 206 1.44 -0.60 -2.80
CA PHE B 206 1.29 -0.48 -1.35
C PHE B 206 0.23 0.54 -0.98
N LEU B 207 -0.56 1.00 -1.95
CA LEU B 207 -1.54 2.06 -1.82
C LEU B 207 -2.86 1.65 -2.48
N LYS B 208 -3.97 2.10 -1.90
CA LYS B 208 -5.26 1.74 -2.45
C LYS B 208 -5.43 2.39 -3.82
N PRO B 209 -6.16 1.74 -4.73
CA PRO B 209 -6.30 2.28 -6.08
C PRO B 209 -7.28 3.43 -6.20
N PHE B 210 -8.27 3.50 -5.32
CA PHE B 210 -9.33 4.49 -5.46
C PHE B 210 -9.40 5.37 -4.23
N GLN B 211 -10.08 6.51 -4.40
CA GLN B 211 -10.22 7.47 -3.32
C GLN B 211 -11.61 7.31 -2.68
N SER B 212 -12.59 8.10 -3.10
CA SER B 212 -13.88 8.18 -2.40
C SER B 212 -14.99 7.51 -3.20
N LEU B 213 -15.80 6.73 -2.49
CA LEU B 213 -17.02 6.14 -3.02
C LEU B 213 -18.18 6.54 -2.12
N ILE B 214 -19.29 6.97 -2.72
CA ILE B 214 -20.47 7.36 -1.95
C ILE B 214 -21.68 6.62 -2.54
N PHE B 215 -22.34 5.81 -1.70
CA PHE B 215 -23.66 5.25 -2.00
C PHE B 215 -24.72 6.30 -1.69
N LEU B 216 -25.32 6.88 -2.72
CA LEU B 216 -26.38 7.89 -2.53
C LEU B 216 -27.72 7.20 -2.77
N VAL B 217 -28.47 6.97 -1.69
CA VAL B 217 -29.71 6.21 -1.77
C VAL B 217 -30.86 7.20 -1.84
N ARG B 218 -31.50 7.28 -3.01
CA ARG B 218 -32.63 8.17 -3.22
C ARG B 218 -33.92 7.56 -2.65
N ASP B 219 -34.85 8.43 -2.28
CA ASP B 219 -36.19 7.99 -1.84
C ASP B 219 -36.11 7.00 -0.67
N TRP B 220 -35.37 7.36 0.38
CA TRP B 220 -35.10 6.42 1.46
C TRP B 220 -36.39 6.04 2.19
N SER B 221 -36.50 4.75 2.54
CA SER B 221 -37.76 4.20 3.03
C SER B 221 -37.82 3.95 4.52
N PHE B 222 -36.70 4.07 5.24
CA PHE B 222 -36.60 3.64 6.63
C PHE B 222 -35.99 4.73 7.53
N PRO B 223 -36.62 5.90 7.61
CA PRO B 223 -35.97 7.03 8.30
C PRO B 223 -36.05 7.00 9.82
N TYR B 224 -36.72 6.03 10.43
CA TYR B 224 -36.69 5.92 11.88
C TYR B 224 -35.36 5.32 12.36
N GLU B 225 -35.03 4.11 11.89
CA GLU B 225 -33.80 3.47 12.34
C GLU B 225 -32.57 4.04 11.64
N PHE B 226 -32.72 4.55 10.42
CA PHE B 226 -31.58 5.05 9.65
C PHE B 226 -31.92 6.45 9.17
N SER B 227 -31.45 7.45 9.91
CA SER B 227 -31.81 8.83 9.64
C SER B 227 -31.32 9.27 8.28
N TYR B 228 -32.12 10.14 7.66
CA TYR B 228 -31.70 10.86 6.46
C TYR B 228 -30.33 11.45 6.70
N GLY B 229 -29.47 11.37 5.69
CA GLY B 229 -28.17 11.97 5.76
C GLY B 229 -27.05 10.95 5.86
N ALA B 230 -25.87 11.45 6.28
CA ALA B 230 -24.64 10.67 6.20
C ALA B 230 -24.48 9.71 7.37
N ASP B 231 -24.94 10.06 8.57
CA ASP B 231 -24.77 9.19 9.72
C ASP B 231 -25.70 7.98 9.66
N GLY B 232 -26.97 8.20 9.33
CA GLY B 232 -27.85 7.07 9.09
C GLY B 232 -27.37 6.22 7.93
N GLY B 233 -26.82 6.86 6.90
CA GLY B 233 -26.31 6.12 5.75
C GLY B 233 -25.17 5.20 6.14
N ALA B 234 -24.21 5.73 6.91
CA ALA B 234 -23.11 4.90 7.40
C ALA B 234 -23.63 3.74 8.21
N LYS B 235 -24.61 4.00 9.09
CA LYS B 235 -25.20 2.93 9.88
C LYS B 235 -25.82 1.86 8.98
N PHE B 236 -26.58 2.31 7.97
CA PHE B 236 -27.25 1.36 7.08
C PHE B 236 -26.24 0.58 6.23
N LEU B 237 -25.27 1.29 5.65
CA LEU B 237 -24.32 0.66 4.75
C LEU B 237 -23.56 -0.46 5.47
N GLU B 238 -23.16 -0.21 6.71
CA GLU B 238 -22.46 -1.23 7.47
C GLU B 238 -23.33 -2.46 7.66
N LYS B 239 -24.61 -2.27 7.99
CA LYS B 239 -25.51 -3.41 8.14
C LYS B 239 -25.71 -4.13 6.82
N ARG B 240 -25.92 -3.36 5.75
CA ARG B 240 -26.22 -3.95 4.45
C ARG B 240 -25.04 -4.76 3.92
N LEU B 241 -23.81 -4.27 4.12
CA LEU B 241 -22.68 -4.98 3.57
C LEU B 241 -22.43 -6.29 4.31
N LYS B 242 -22.76 -6.34 5.61
CA LYS B 242 -22.64 -7.59 6.35
C LYS B 242 -23.65 -8.60 5.82
N VAL B 243 -24.92 -8.23 5.81
CA VAL B 243 -25.99 -9.17 5.46
C VAL B 243 -25.77 -9.77 4.08
N SER B 244 -25.15 -9.02 3.16
CA SER B 244 -25.01 -9.50 1.80
C SER B 244 -24.10 -10.71 1.68
N GLY B 245 -23.21 -10.93 2.65
CA GLY B 245 -22.39 -12.12 2.69
C GLY B 245 -22.32 -12.71 4.08
N GLN B 247 -25.20 -13.61 2.65
CA GLN B 247 -26.42 -14.12 2.04
C GLN B 247 -26.20 -14.47 0.57
N HIS B 248 -25.08 -14.02 0.00
CA HIS B 248 -24.75 -14.33 -1.38
C HIS B 248 -23.28 -14.69 -1.48
N GLU B 249 -22.99 -15.87 -2.03
CA GLU B 249 -21.61 -16.36 -2.10
C GLU B 249 -20.72 -15.46 -2.95
N GLU B 250 -21.26 -14.93 -4.03
CA GLU B 250 -20.52 -13.99 -4.85
C GLU B 250 -20.16 -12.72 -4.08
N LEU B 251 -21.01 -12.32 -3.14
CA LEU B 251 -20.85 -11.12 -2.33
C LEU B 251 -20.05 -11.34 -1.06
N GLN B 252 -19.64 -12.57 -0.77
CA GLN B 252 -18.86 -12.84 0.44
C GLN B 252 -17.65 -11.91 0.56
N ASN B 253 -17.43 -11.40 1.78
CA ASN B 253 -16.36 -10.48 2.14
C ASN B 253 -16.39 -9.17 1.36
N VAL B 254 -17.56 -8.81 0.80
CA VAL B 254 -17.66 -7.57 0.03
C VAL B 254 -17.35 -6.35 0.89
N ARG B 255 -17.67 -6.40 2.18
CA ARG B 255 -17.36 -5.26 3.04
C ARG B 255 -15.85 -5.08 3.14
N LYS B 256 -15.12 -6.17 3.41
CA LYS B 256 -13.67 -6.11 3.41
C LYS B 256 -13.15 -5.64 2.06
N HIS B 257 -13.79 -6.09 0.97
CA HIS B 257 -13.16 -5.82 -0.32
C HIS B 257 -13.35 -4.37 -0.73
N ILE B 258 -14.52 -3.80 -0.46
CA ILE B 258 -14.74 -2.42 -0.84
C ILE B 258 -13.88 -1.51 0.01
N HIS B 259 -13.77 -1.81 1.32
CA HIS B 259 -12.98 -0.98 2.20
C HIS B 259 -11.49 -1.11 1.94
N SER B 260 -11.05 -2.22 1.32
CA SER B 260 -9.65 -2.34 0.92
C SER B 260 -9.36 -1.65 -0.41
N CYS B 261 -10.35 -1.46 -1.27
CA CYS B 261 -10.11 -0.81 -2.55
C CYS B 261 -10.21 0.71 -2.48
N PHE B 262 -11.04 1.25 -1.58
CA PHE B 262 -11.34 2.68 -1.54
C PHE B 262 -10.79 3.29 -0.25
N THR B 263 -10.21 4.49 -0.36
CA THR B 263 -9.74 5.20 0.82
C THR B 263 -10.90 5.66 1.71
N ASN B 264 -12.00 6.12 1.11
CA ASN B 264 -13.17 6.57 1.87
C ASN B 264 -14.44 5.97 1.28
N ILE B 265 -15.25 5.34 2.12
CA ILE B 265 -16.56 4.83 1.76
C ILE B 265 -17.60 5.48 2.67
N SER B 266 -18.64 6.02 2.07
CA SER B 266 -19.72 6.61 2.86
C SER B 266 -21.04 6.40 2.14
N CYS B 267 -22.11 6.81 2.81
CA CYS B 267 -23.46 6.56 2.34
C CYS B 267 -24.36 7.66 2.87
N PHE B 268 -25.17 8.25 1.99
CA PHE B 268 -26.05 9.36 2.34
C PHE B 268 -27.47 8.94 1.94
N LEU B 269 -28.38 8.98 2.90
CA LEU B 269 -29.79 8.64 2.70
C LEU B 269 -30.56 9.93 2.47
N LEU B 270 -31.13 10.07 1.27
CA LEU B 270 -31.88 11.23 0.83
C LEU B 270 -33.38 10.97 0.84
N PRO B 271 -34.21 11.90 1.31
CA PRO B 271 -35.64 11.70 1.20
C PRO B 271 -36.13 11.82 -0.25
N HIS B 272 -37.33 11.26 -0.42
CA HIS B 272 -38.14 11.46 -1.60
C HIS B 272 -38.41 12.96 -1.80
N PRO B 273 -38.34 13.47 -3.03
CA PRO B 273 -38.41 14.92 -3.26
C PRO B 273 -39.81 15.46 -3.44
N GLY B 274 -40.83 14.62 -3.39
CA GLY B 274 -42.19 15.07 -3.54
C GLY B 274 -42.77 14.67 -4.89
N LEU B 275 -44.10 14.72 -4.95
CA LEU B 275 -44.84 14.24 -6.10
C LEU B 275 -44.48 15.02 -7.36
N LYS B 276 -44.32 16.34 -7.24
CA LYS B 276 -44.06 17.15 -8.42
C LYS B 276 -42.73 16.77 -9.08
N VAL B 277 -41.65 16.70 -8.29
CA VAL B 277 -40.37 16.27 -8.86
C VAL B 277 -40.49 14.86 -9.41
N ALA B 278 -41.14 13.97 -8.66
CA ALA B 278 -41.10 12.54 -9.01
C ALA B 278 -41.91 12.22 -10.26
N THR B 279 -42.87 13.06 -10.64
CA THR B 279 -43.83 12.69 -11.68
C THR B 279 -43.72 13.50 -12.96
N ASN B 280 -43.06 14.65 -12.93
CA ASN B 280 -43.01 15.48 -14.13
C ASN B 280 -41.61 15.48 -14.70
N PRO B 281 -41.41 15.00 -15.93
CA PRO B 281 -40.11 15.19 -16.58
C PRO B 281 -39.94 16.69 -16.84
N ASN B 282 -38.71 17.16 -16.67
CA ASN B 282 -38.39 18.58 -16.82
C ASN B 282 -39.21 19.42 -15.83
N PHE B 283 -38.91 19.20 -14.56
CA PHE B 283 -39.61 19.87 -13.47
C PHE B 283 -39.20 21.33 -13.44
N ASP B 284 -40.06 22.20 -13.96
CA ASP B 284 -39.80 23.64 -14.02
C ASP B 284 -40.72 24.35 -13.04
N GLY B 285 -40.41 24.20 -11.75
CA GLY B 285 -41.25 24.74 -10.69
C GLY B 285 -40.43 25.49 -9.65
N LYS B 286 -41.16 26.00 -8.66
CA LYS B 286 -40.55 26.72 -7.55
C LYS B 286 -39.73 25.77 -6.68
N LEU B 287 -38.64 26.29 -6.10
CA LEU B 287 -37.95 25.53 -5.07
C LEU B 287 -38.90 25.12 -3.96
N LYS B 288 -39.89 25.96 -3.66
CA LYS B 288 -40.92 25.61 -2.68
C LYS B 288 -41.80 24.45 -3.14
N GLU B 289 -41.77 24.10 -4.42
CA GLU B 289 -42.51 22.95 -4.94
C GLU B 289 -41.72 21.65 -4.82
N ILE B 290 -40.58 21.70 -4.17
CA ILE B 290 -39.78 20.54 -3.81
C ILE B 290 -39.97 20.30 -2.32
N ASP B 291 -40.13 19.03 -1.94
CA ASP B 291 -40.31 18.68 -0.54
C ASP B 291 -39.23 19.30 0.31
N ASP B 292 -39.64 19.90 1.43
CA ASP B 292 -38.71 20.72 2.20
C ASP B 292 -37.66 19.87 2.90
N GLU B 293 -38.00 18.63 3.29
CA GLU B 293 -36.99 17.75 3.86
C GLU B 293 -35.97 17.32 2.83
N PHE B 294 -36.38 17.13 1.58
CA PHE B 294 -35.41 16.91 0.51
C PHE B 294 -34.42 18.06 0.43
N ILE B 295 -34.93 19.29 0.40
CA ILE B 295 -34.06 20.46 0.23
C ILE B 295 -33.10 20.61 1.40
N LYS B 296 -33.62 20.50 2.62
CA LYS B 296 -32.77 20.54 3.82
C LYS B 296 -31.60 19.57 3.71
N ASN B 297 -31.87 18.31 3.32
CA ASN B 297 -30.80 17.33 3.24
C ASN B 297 -29.92 17.52 1.99
N LEU B 298 -30.49 17.98 0.88
CA LEU B 298 -29.69 18.31 -0.29
C LEU B 298 -28.67 19.40 0.06
N LYS B 299 -29.10 20.45 0.77
CA LYS B 299 -28.19 21.51 1.16
C LYS B 299 -27.06 20.97 2.03
N ILE B 300 -27.26 19.84 2.70
CA ILE B 300 -26.17 19.23 3.45
C ILE B 300 -25.30 18.38 2.55
N LEU B 301 -25.94 17.57 1.69
CA LEU B 301 -25.25 16.61 0.83
C LEU B 301 -24.18 17.27 -0.04
N ILE B 302 -24.53 18.37 -0.71
CA ILE B 302 -23.71 18.86 -1.80
C ILE B 302 -22.42 19.49 -1.29
N PRO B 303 -22.43 20.36 -0.27
CA PRO B 303 -21.14 20.77 0.30
C PRO B 303 -20.43 19.61 0.96
N TRP B 304 -21.17 18.62 1.43
CA TRP B 304 -20.54 17.44 1.99
C TRP B 304 -19.77 16.67 0.93
N LEU B 305 -20.23 16.72 -0.33
CA LEU B 305 -19.47 16.13 -1.43
C LEU B 305 -18.39 17.07 -1.96
N LEU B 306 -18.66 18.37 -1.99
CA LEU B 306 -17.92 19.26 -2.88
C LEU B 306 -17.37 20.52 -2.24
N SER B 307 -17.45 20.67 -0.92
CA SER B 307 -16.86 21.84 -0.31
C SER B 307 -15.33 21.79 -0.49
N PRO B 308 -14.64 22.93 -0.37
CA PRO B 308 -13.18 22.90 -0.50
C PRO B 308 -12.53 21.87 0.41
N GLU B 309 -12.97 21.77 1.67
CA GLU B 309 -12.44 20.74 2.57
C GLU B 309 -12.76 19.33 2.10
N SER B 310 -13.77 19.17 1.25
CA SER B 310 -14.22 17.85 0.82
C SER B 310 -13.56 17.36 -0.45
N LEU B 311 -13.00 18.24 -1.27
CA LEU B 311 -12.55 17.83 -2.58
C LEU B 311 -11.38 16.87 -2.44
N ASP B 312 -11.48 15.70 -3.08
CA ASP B 312 -10.46 14.66 -3.02
C ASP B 312 -9.69 14.63 -4.34
N ILE B 313 -8.42 15.05 -4.29
CA ILE B 313 -7.61 15.07 -5.51
C ILE B 313 -7.30 13.64 -5.93
N LYS B 314 -7.48 13.35 -7.21
CA LYS B 314 -7.15 12.06 -7.79
C LYS B 314 -5.67 11.76 -7.54
N GLU B 315 -5.38 10.55 -7.08
CA GLU B 315 -4.01 10.15 -6.79
C GLU B 315 -3.80 8.69 -7.17
N ILE B 316 -2.67 8.41 -7.82
CA ILE B 316 -2.29 7.06 -8.27
C ILE B 316 -0.82 6.87 -7.93
N ASN B 317 -0.49 5.74 -7.29
CA ASN B 317 0.90 5.40 -6.93
C ASN B 317 1.57 6.53 -6.14
N GLY B 318 0.79 7.25 -5.33
CA GLY B 318 1.29 8.33 -4.52
C GLY B 318 1.33 9.69 -5.18
N ASN B 319 1.06 9.77 -6.48
CA ASN B 319 1.16 11.01 -7.24
C ASN B 319 -0.20 11.66 -7.43
N LYS B 320 -0.32 12.94 -7.07
CA LYS B 320 -1.50 13.70 -7.45
C LYS B 320 -1.55 13.81 -8.97
N ILE B 321 -2.74 13.66 -9.53
CA ILE B 321 -2.95 13.69 -10.99
C ILE B 321 -3.38 15.11 -11.37
N THR B 322 -2.88 15.61 -12.50
CA THR B 322 -3.34 16.88 -13.04
C THR B 322 -4.32 16.62 -14.18
N CYS B 323 -4.99 17.68 -14.63
CA CYS B 323 -5.87 17.53 -15.79
C CYS B 323 -5.12 16.96 -16.98
N ARG B 324 -3.91 17.49 -17.24
CA ARG B 324 -3.07 16.92 -18.29
C ARG B 324 -2.91 15.42 -18.10
N GLY B 325 -2.49 15.00 -16.89
CA GLY B 325 -2.31 13.60 -16.63
C GLY B 325 -3.59 12.78 -16.72
N LEU B 326 -4.74 13.39 -16.39
CA LEU B 326 -6.00 12.64 -16.37
C LEU B 326 -6.42 12.22 -17.77
N VAL B 327 -6.08 13.04 -18.78
CA VAL B 327 -6.31 12.63 -20.16
C VAL B 327 -5.60 11.30 -20.47
N GLU B 328 -4.40 11.08 -19.91
CA GLU B 328 -3.69 9.82 -20.17
C GLU B 328 -4.44 8.65 -19.57
N TYR B 329 -5.11 8.86 -18.44
CA TYR B 329 -5.89 7.77 -17.86
C TYR B 329 -7.11 7.44 -18.72
N PHE B 330 -7.82 8.47 -19.22
CA PHE B 330 -8.89 8.22 -20.19
C PHE B 330 -8.40 7.39 -21.37
N LYS B 331 -7.29 7.82 -21.98
CA LYS B 331 -6.82 7.17 -23.20
C LYS B 331 -6.33 5.74 -22.93
N ALA B 332 -5.69 5.51 -21.78
CA ALA B 332 -5.25 4.14 -21.50
C ALA B 332 -6.43 3.24 -21.15
N TYR B 333 -7.39 3.76 -20.39
CA TYR B 333 -8.50 2.91 -19.96
C TYR B 333 -9.46 2.61 -21.10
N ILE B 334 -9.64 3.54 -22.03
CA ILE B 334 -10.56 3.28 -23.13
C ILE B 334 -10.12 2.07 -23.94
N LYS B 335 -8.80 1.80 -24.01
CA LYS B 335 -8.33 0.71 -24.85
C LYS B 335 -8.72 -0.66 -24.27
N ILE B 336 -8.69 -0.81 -22.95
CA ILE B 336 -9.02 -2.10 -22.35
C ILE B 336 -10.52 -2.28 -22.13
N TYR B 337 -11.32 -1.25 -22.34
CA TYR B 337 -12.76 -1.41 -22.21
C TYR B 337 -13.45 -1.44 -23.58
N LEU B 342 -15.70 -7.09 -19.54
CA LEU B 342 -14.80 -6.38 -18.64
C LEU B 342 -13.38 -6.91 -18.78
N PRO B 343 -12.39 -6.04 -18.66
CA PRO B 343 -11.00 -6.47 -18.75
C PRO B 343 -10.56 -7.19 -17.49
N HIS B 344 -9.48 -7.96 -17.63
CA HIS B 344 -8.97 -8.71 -16.49
C HIS B 344 -8.21 -7.81 -15.53
N PRO B 345 -8.10 -8.21 -14.26
CA PRO B 345 -7.36 -7.38 -13.30
C PRO B 345 -5.95 -7.03 -13.74
N LYS B 346 -5.22 -7.96 -14.36
CA LYS B 346 -3.89 -7.65 -14.86
C LYS B 346 -3.93 -6.59 -15.96
N SER B 347 -4.90 -6.68 -16.87
CA SER B 347 -5.01 -5.66 -17.92
C SER B 347 -5.33 -4.29 -17.32
N MET B 348 -6.20 -4.25 -16.31
CA MET B 348 -6.50 -2.98 -15.68
C MET B 348 -5.25 -2.41 -15.02
N LEU B 349 -4.48 -3.26 -14.34
CA LEU B 349 -3.26 -2.79 -13.69
C LEU B 349 -2.26 -2.31 -14.72
N GLN B 350 -2.17 -3.00 -15.87
CA GLN B 350 -1.23 -2.60 -16.91
C GLN B 350 -1.64 -1.27 -17.55
N ALA B 351 -2.94 -1.06 -17.77
CA ALA B 351 -3.40 0.23 -18.25
C ALA B 351 -3.12 1.34 -17.25
N THR B 352 -3.27 1.04 -15.95
CA THR B 352 -3.01 2.08 -14.95
C THR B 352 -1.54 2.47 -14.97
N ALA B 353 -0.65 1.47 -15.06
CA ALA B 353 0.78 1.73 -15.10
C ALA B 353 1.17 2.48 -16.36
N GLU B 354 0.51 2.15 -17.48
CA GLU B 354 0.79 2.83 -18.73
C GLU B 354 0.43 4.32 -18.64
N ALA B 355 -0.77 4.63 -18.14
CA ALA B 355 -1.13 6.04 -17.94
C ALA B 355 -0.22 6.69 -16.93
N ASN B 356 0.12 5.97 -15.86
CA ASN B 356 1.02 6.52 -14.86
C ASN B 356 2.35 6.95 -15.49
N ASN B 357 2.91 6.12 -16.38
CA ASN B 357 4.18 6.48 -17.00
C ASN B 357 3.99 7.60 -18.01
N LEU B 358 2.90 7.58 -18.77
CA LEU B 358 2.69 8.61 -19.77
C LEU B 358 2.34 9.95 -19.15
N ALA B 359 1.75 9.96 -17.95
CA ALA B 359 1.55 11.23 -17.27
C ALA B 359 2.89 11.85 -16.89
N ALA B 360 3.87 11.01 -16.53
CA ALA B 360 5.21 11.52 -16.25
C ALA B 360 5.90 11.98 -17.52
N VAL B 361 5.67 11.27 -18.63
CA VAL B 361 6.20 11.70 -19.92
C VAL B 361 5.68 13.09 -20.26
N ALA B 362 4.38 13.31 -20.06
CA ALA B 362 3.77 14.59 -20.38
C ALA B 362 4.31 15.71 -19.50
N THR B 363 4.49 15.46 -18.21
CA THR B 363 5.02 16.49 -17.32
C THR B 363 6.46 16.82 -17.69
N ALA B 364 7.30 15.81 -17.86
CA ALA B 364 8.69 16.08 -18.20
C ALA B 364 8.79 16.77 -19.55
N LYS B 365 7.94 16.38 -20.51
CA LYS B 365 8.00 17.07 -21.81
C LYS B 365 7.58 18.52 -21.66
N ASP B 366 6.52 18.77 -20.90
CA ASP B 366 6.04 20.13 -20.72
C ASP B 366 7.08 21.03 -20.07
N THR B 367 7.80 20.51 -19.06
CA THR B 367 8.91 21.25 -18.45
C THR B 367 9.96 21.64 -19.48
N TYR B 368 10.45 20.66 -20.25
CA TYR B 368 11.44 20.96 -21.28
C TYR B 368 10.88 21.96 -22.28
N ASN B 369 9.58 21.82 -22.61
CA ASN B 369 8.99 22.64 -23.65
C ASN B 369 8.91 24.11 -23.22
N LYS B 370 8.47 24.35 -21.98
CA LYS B 370 8.31 25.73 -21.52
C LYS B 370 9.66 26.40 -21.30
N LYS B 371 10.65 25.69 -20.76
CA LYS B 371 11.94 26.31 -20.52
C LYS B 371 12.67 26.61 -21.83
N MET B 372 12.50 25.77 -22.86
CA MET B 372 13.09 26.08 -24.16
C MET B 372 12.41 27.27 -24.79
N GLU B 373 11.10 27.41 -24.59
CA GLU B 373 10.41 28.59 -25.09
C GLU B 373 11.03 29.87 -24.55
N GLU B 374 11.41 29.87 -23.27
CA GLU B 374 12.03 31.04 -22.66
C GLU B 374 13.35 31.43 -23.31
N ILE B 375 14.03 30.52 -23.99
CA ILE B 375 15.34 30.82 -24.57
C ILE B 375 15.22 31.21 -26.04
N CYS B 376 14.35 30.56 -26.79
CA CYS B 376 14.10 30.93 -28.18
C CYS B 376 12.62 31.13 -28.44
N PRO B 381 15.47 36.32 -30.57
CA PRO B 381 16.84 36.62 -30.13
C PRO B 381 17.83 35.53 -30.51
N PHE B 382 18.18 35.45 -31.79
CA PHE B 382 19.08 34.43 -32.34
C PHE B 382 20.23 34.09 -31.39
N LEU B 383 20.39 32.80 -31.13
CA LEU B 383 21.48 32.30 -30.31
C LEU B 383 22.43 31.49 -31.18
N ALA B 384 23.71 31.44 -30.79
CA ALA B 384 24.69 30.69 -31.53
C ALA B 384 24.29 29.21 -31.59
N PRO B 385 24.62 28.52 -32.68
CA PRO B 385 24.19 27.12 -32.80
C PRO B 385 24.62 26.22 -31.66
N ASN B 386 25.85 26.35 -31.16
CA ASN B 386 26.31 25.44 -30.12
C ASN B 386 25.83 25.83 -28.73
N ASP B 387 25.45 27.09 -28.50
CA ASP B 387 24.83 27.44 -27.24
C ASP B 387 23.39 26.95 -27.17
N LEU B 388 22.70 26.86 -28.31
CA LEU B 388 21.37 26.28 -28.31
C LEU B 388 21.44 24.78 -28.13
N GLN B 389 22.49 24.14 -28.64
CA GLN B 389 22.71 22.72 -28.36
C GLN B 389 22.99 22.49 -26.89
N THR B 390 23.90 23.27 -26.31
CA THR B 390 24.26 23.08 -24.91
C THR B 390 23.05 23.29 -24.01
N LYS B 391 22.26 24.33 -24.27
CA LYS B 391 21.07 24.53 -23.45
C LYS B 391 20.04 23.42 -23.70
N HIS B 392 19.94 22.94 -24.94
CA HIS B 392 19.06 21.81 -25.22
C HIS B 392 19.49 20.58 -24.43
N LEU B 393 20.76 20.20 -24.56
CA LEU B 393 21.25 19.01 -23.86
C LEU B 393 21.10 19.15 -22.34
N GLN B 394 21.19 20.35 -21.81
CA GLN B 394 21.00 20.56 -20.37
C GLN B 394 19.54 20.40 -19.99
N LEU B 395 18.63 21.07 -20.71
CA LEU B 395 17.22 20.96 -20.38
C LEU B 395 16.68 19.55 -20.65
N LYS B 396 17.22 18.86 -21.65
CA LYS B 396 16.74 17.51 -21.92
C LYS B 396 17.12 16.57 -20.78
N GLU B 397 18.37 16.68 -20.30
CA GLU B 397 18.80 15.86 -19.18
C GLU B 397 18.03 16.20 -17.90
N GLU B 398 17.71 17.47 -17.69
CA GLU B 398 16.86 17.80 -16.55
C GLU B 398 15.49 17.15 -16.67
N SER B 399 14.91 17.14 -17.88
CA SER B 399 13.62 16.49 -18.06
C SER B 399 13.74 14.97 -17.91
N VAL B 400 14.87 14.41 -18.31
CA VAL B 400 15.11 12.98 -18.11
C VAL B 400 15.18 12.65 -16.62
N LYS B 401 15.99 13.40 -15.85
CA LYS B 401 16.05 13.16 -14.41
C LYS B 401 14.70 13.39 -13.77
N LEU B 402 13.94 14.38 -14.26
CA LEU B 402 12.60 14.59 -13.74
C LEU B 402 11.74 13.33 -13.92
N PHE B 403 11.81 12.72 -15.11
CA PHE B 403 11.03 11.52 -15.38
C PHE B 403 11.52 10.34 -14.54
N ARG B 404 12.84 10.22 -14.36
CA ARG B 404 13.35 9.11 -13.56
C ARG B 404 12.97 9.25 -12.09
N GLY B 405 12.87 10.49 -11.59
CA GLY B 405 12.52 10.70 -10.20
C GLY B 405 11.04 10.48 -9.89
N VAL B 406 10.18 10.50 -10.91
CA VAL B 406 8.77 10.22 -10.68
C VAL B 406 8.59 8.80 -10.20
N LYS B 407 7.74 8.61 -9.22
CA LYS B 407 7.39 7.25 -8.77
C LYS B 407 6.46 6.65 -9.82
N LYS B 408 7.00 5.78 -10.66
CA LYS B 408 6.23 5.19 -11.75
C LYS B 408 6.01 3.70 -11.50
N MET B 409 4.86 3.20 -11.96
CA MET B 409 4.54 1.79 -11.84
C MET B 409 5.15 0.97 -12.99
N GLY B 410 5.18 -0.34 -12.80
CA GLY B 410 5.54 -1.28 -13.84
C GLY B 410 6.95 -1.82 -13.77
N GLY B 411 7.88 -1.11 -13.13
CA GLY B 411 9.26 -1.56 -13.07
C GLY B 411 10.14 -0.85 -14.09
N GLU B 412 11.45 -1.02 -13.90
CA GLU B 412 12.42 -0.24 -14.68
C GLU B 412 12.31 -0.52 -16.17
N GLU B 413 12.20 -1.80 -16.53
CA GLU B 413 12.12 -2.17 -17.95
C GLU B 413 10.85 -1.64 -18.59
N PHE B 414 9.72 -1.74 -17.89
CA PHE B 414 8.47 -1.18 -18.37
C PHE B 414 8.60 0.31 -18.63
N SER B 415 9.25 1.03 -17.70
CA SER B 415 9.37 2.48 -17.82
C SER B 415 10.45 2.90 -18.82
N ARG B 416 11.41 2.03 -19.11
CA ARG B 416 12.43 2.38 -20.10
C ARG B 416 11.80 2.73 -21.43
N ARG B 417 10.74 2.01 -21.81
CA ARG B 417 10.05 2.30 -23.06
C ARG B 417 9.47 3.71 -23.07
N TYR B 418 8.98 4.16 -21.92
CA TYR B 418 8.40 5.49 -21.87
C TYR B 418 9.45 6.58 -21.73
N LEU B 419 10.59 6.28 -21.09
CA LEU B 419 11.69 7.21 -21.11
C LEU B 419 12.17 7.44 -22.55
N GLN B 420 12.24 6.38 -23.35
CA GLN B 420 12.67 6.53 -24.72
C GLN B 420 11.65 7.27 -25.58
N GLN B 421 10.35 7.16 -25.23
CA GLN B 421 9.34 7.97 -25.90
C GLN B 421 9.51 9.45 -25.56
N LEU B 422 9.74 9.76 -24.27
CA LEU B 422 10.04 11.13 -23.85
C LEU B 422 11.24 11.68 -24.60
N GLU B 423 12.34 10.91 -24.68
CA GLU B 423 13.53 11.41 -25.36
C GLU B 423 13.23 11.70 -26.82
N SER B 424 12.45 10.84 -27.47
CA SER B 424 12.08 11.07 -28.87
C SER B 424 11.16 12.28 -29.02
N GLU B 425 10.19 12.46 -28.12
CA GLU B 425 9.33 13.62 -28.24
C GLU B 425 10.09 14.91 -28.00
N ILE B 426 11.01 14.91 -27.04
CA ILE B 426 11.87 16.06 -26.80
C ILE B 426 12.76 16.37 -28.00
N ASP B 427 13.32 15.34 -28.66
CA ASP B 427 14.14 15.59 -29.85
C ASP B 427 13.32 16.19 -30.97
N GLU B 428 12.06 15.76 -31.10
CA GLU B 428 11.15 16.37 -32.06
C GLU B 428 11.00 17.87 -31.81
N LEU B 429 10.79 18.24 -30.55
CA LEU B 429 10.67 19.65 -30.21
C LEU B 429 11.97 20.40 -30.52
N TYR B 430 13.12 19.77 -30.24
CA TYR B 430 14.40 20.45 -30.46
C TYR B 430 14.60 20.79 -31.93
N ILE B 431 14.31 19.85 -32.83
CA ILE B 431 14.50 20.12 -34.25
C ILE B 431 13.59 21.25 -34.72
N GLN B 432 12.37 21.32 -34.17
CA GLN B 432 11.53 22.48 -34.43
C GLN B 432 12.19 23.76 -33.95
N TYR B 433 12.75 23.73 -32.74
CA TYR B 433 13.40 24.93 -32.21
C TYR B 433 14.61 25.34 -33.05
N ILE B 434 15.34 24.36 -33.61
CA ILE B 434 16.44 24.68 -34.51
C ILE B 434 15.91 25.38 -35.75
N LYS B 435 14.81 24.87 -36.31
CA LYS B 435 14.23 25.51 -37.49
C LYS B 435 13.70 26.90 -37.16
N HIS B 436 13.11 27.07 -35.97
CA HIS B 436 12.61 28.39 -35.60
C HIS B 436 13.74 29.38 -35.34
N ASN B 437 14.91 28.89 -34.94
CA ASN B 437 16.02 29.78 -34.67
C ASN B 437 16.86 30.09 -35.90
N ASP B 438 16.75 29.28 -36.96
CA ASP B 438 17.45 29.63 -38.19
C ASP B 438 16.89 30.92 -38.79
N SER B 439 15.63 31.22 -38.51
CA SER B 439 15.02 32.46 -38.98
C SER B 439 15.40 33.62 -38.08
N LYS B 440 15.07 33.53 -36.80
CA LYS B 440 15.39 34.57 -35.82
C LYS B 440 16.88 34.73 -35.65
PB GDP C . 16.63 -28.07 19.44
O1B GDP C . 16.24 -28.06 20.90
O2B GDP C . 15.37 -28.01 18.63
O3B GDP C . 17.53 -26.89 19.15
O3A GDP C . 17.36 -29.46 19.10
PA GDP C . 18.95 -29.68 18.96
O1A GDP C . 19.70 -29.44 20.24
O2A GDP C . 19.47 -28.95 17.76
O5' GDP C . 18.98 -31.26 18.62
C5' GDP C . 18.67 -32.25 19.59
C4' GDP C . 19.08 -33.63 19.06
O4' GDP C . 18.49 -33.87 17.77
C3' GDP C . 20.58 -33.70 18.82
O3' GDP C . 21.02 -35.00 19.25
C2' GDP C . 20.73 -33.59 17.33
O2' GDP C . 21.95 -34.21 16.87
C1' GDP C . 19.49 -34.31 16.85
N9 GDP C . 19.02 -33.94 15.50
C8 GDP C . 19.38 -32.89 14.72
N7 GDP C . 18.69 -32.90 13.54
C5 GDP C . 17.86 -33.99 13.57
C6 GDP C . 16.85 -34.61 12.68
O6 GDP C . 16.60 -34.12 11.54
N1 GDP C . 16.24 -35.75 13.11
C2 GDP C . 16.51 -36.31 14.30
N2 GDP C . 15.88 -37.44 14.70
N3 GDP C . 17.40 -35.78 15.17
C4 GDP C . 18.09 -34.65 14.86
MG MG D . 16.68 -24.12 20.14
C1 GOL E . 28.32 -13.77 2.57
O1 GOL E . 28.68 -15.07 2.88
C2 GOL E . 29.37 -13.18 1.59
O2 GOL E . 30.68 -13.59 1.88
C3 GOL E . 28.89 -13.63 0.19
O3 GOL E . 27.50 -13.43 0.15
C1 GOL F . -0.75 -3.46 8.41
O1 GOL F . -1.93 -3.59 7.65
C2 GOL F . -0.06 -4.86 8.47
O2 GOL F . 0.88 -5.07 7.43
C3 GOL F . -1.23 -5.87 8.45
O3 GOL F . -1.64 -6.02 7.12
C1 GOL G . 33.69 -15.41 6.78
O1 GOL G . 33.67 -16.25 5.68
C2 GOL G . 34.16 -16.27 7.99
O2 GOL G . 35.33 -16.95 7.72
C3 GOL G . 34.31 -15.25 9.14
O3 GOL G . 34.53 -15.99 10.30
PB GDP H . -31.18 10.52 -14.74
O1B GDP H . -30.53 9.61 -13.75
O2B GDP H . -30.30 11.72 -15.00
O3B GDP H . -31.45 9.74 -16.01
O3A GDP H . -32.54 11.03 -14.08
PA GDP H . -33.17 12.48 -14.27
O1A GDP H . -33.46 12.77 -15.74
O2A GDP H . -32.32 13.52 -13.58
O5' GDP H . -34.56 12.34 -13.46
C5' GDP H . -35.66 11.61 -14.01
C4' GDP H . -36.93 11.94 -13.24
O4' GDP H . -36.71 11.69 -11.85
C3' GDP H . -37.30 13.40 -13.34
O3' GDP H . -38.73 13.53 -13.37
C2' GDP H . -36.86 13.97 -12.01
O2' GDP H . -37.62 15.15 -11.70
C1' GDP H . -37.16 12.81 -11.09
N9 GDP H . -36.36 12.82 -9.84
C8 GDP H . -35.24 13.53 -9.58
N7 GDP H . -34.78 13.26 -8.33
C5 GDP H . -35.61 12.34 -7.79
C6 GDP H . -35.72 11.59 -6.51
O6 GDP H . -34.86 11.80 -5.62
N1 GDP H . -36.75 10.73 -6.35
C2 GDP H . -37.67 10.53 -7.32
N2 GDP H . -38.71 9.66 -7.13
N3 GDP H . -37.63 11.17 -8.51
C4 GDP H . -36.65 12.05 -8.79
MG MG I . -27.55 10.97 -16.10
C1 GOL J . -7.58 22.63 -27.16
O1 GOL J . -7.43 21.55 -28.01
C2 GOL J . -6.75 22.30 -25.91
O2 GOL J . -5.42 22.68 -26.03
C3 GOL J . -7.45 22.98 -24.70
O3 GOL J . -8.40 23.89 -25.16
C1 GOL K . -16.00 31.20 -6.46
O1 GOL K . -17.38 31.38 -6.61
C2 GOL K . -15.74 31.04 -4.95
O2 GOL K . -16.62 31.81 -4.20
C3 GOL K . -15.72 29.50 -4.63
O3 GOL K . -15.09 29.28 -3.41
C1 GOL L . -1.72 6.06 -25.13
O1 GOL L . -2.12 7.10 -25.98
C2 GOL L . -2.76 5.93 -23.98
O2 GOL L . -2.62 4.75 -23.28
C3 GOL L . -2.55 7.18 -23.07
O3 GOL L . -2.44 6.80 -21.72
#